data_8V94
# 
_entry.id   8V94 
# 
_audit_conform.dict_name       mmcif_pdbx.dic 
_audit_conform.dict_version    5.402 
_audit_conform.dict_location   http://mmcif.pdb.org/dictionaries/ascii/mmcif_pdbx.dic 
# 
loop_
_database_2.database_id 
_database_2.database_code 
_database_2.pdbx_database_accession 
_database_2.pdbx_DOI 
PDB   8V94         pdb_00008v94 10.2210/pdb8v94/pdb 
WWPDB D_1000279752 ?            ?                   
# 
_pdbx_audit_revision_history.ordinal             1 
_pdbx_audit_revision_history.data_content_type   'Structure model' 
_pdbx_audit_revision_history.major_revision      1 
_pdbx_audit_revision_history.minor_revision      0 
_pdbx_audit_revision_history.revision_date       2025-03-19 
_pdbx_audit_revision_history.part_number         ? 
# 
_pdbx_audit_revision_details.ordinal             1 
_pdbx_audit_revision_details.revision_ordinal    1 
_pdbx_audit_revision_details.data_content_type   'Structure model' 
_pdbx_audit_revision_details.provider            repository 
_pdbx_audit_revision_details.type                'Initial release' 
_pdbx_audit_revision_details.description         ? 
_pdbx_audit_revision_details.details             ? 
# 
_pdbx_database_status.status_code                     REL 
_pdbx_database_status.status_code_sf                  REL 
_pdbx_database_status.status_code_mr                  ? 
_pdbx_database_status.entry_id                        8V94 
_pdbx_database_status.recvd_initial_deposition_date   2023-12-07 
_pdbx_database_status.SG_entry                        N 
_pdbx_database_status.deposit_site                    RCSB 
_pdbx_database_status.process_site                    RCSB 
_pdbx_database_status.status_code_cs                  ? 
_pdbx_database_status.status_code_nmr_data            ? 
_pdbx_database_status.methods_development_category    ? 
_pdbx_database_status.pdb_format_compatible           Y 
# 
_pdbx_contact_author.id                 2 
_pdbx_contact_author.email              mmravic@scripps.edu 
_pdbx_contact_author.name_first         Marco 
_pdbx_contact_author.name_last          Mravic 
_pdbx_contact_author.name_mi            ? 
_pdbx_contact_author.role               'principal investigator/group leader' 
_pdbx_contact_author.identifier_ORCID   0000-0001-6294-1824 
# 
loop_
_audit_author.name 
_audit_author.pdbx_ordinal 
_audit_author.identifier_ORCID 
'Mravic, M.'     1 0000-0001-6294-1824 
'Anderson, C.T.' 2 ?                   
# 
_citation.abstract                  ? 
_citation.abstract_id_CAS           ? 
_citation.book_id_ISBN              ? 
_citation.book_publisher            ? 
_citation.book_publisher_city       ? 
_citation.book_title                ? 
_citation.coordinate_linkage        ? 
_citation.country                   ? 
_citation.database_id_Medline       ? 
_citation.details                   ? 
_citation.id                        primary 
_citation.journal_abbrev            'To Be Published' 
_citation.journal_id_ASTM           ? 
_citation.journal_id_CSD            0353 
_citation.journal_id_ISSN           ? 
_citation.journal_full              ? 
_citation.journal_issue             ? 
_citation.journal_volume            ? 
_citation.language                  ? 
_citation.page_first                ? 
_citation.page_last                 ? 
_citation.title                     'De Novo Design of Specific Transmembrane Assemblies By Apolar Steric Packing' 
_citation.year                      ? 
_citation.database_id_CSD           ? 
_citation.pdbx_database_id_DOI      ? 
_citation.pdbx_database_id_PubMed   ? 
_citation.pdbx_database_id_patent   ? 
_citation.unpublished_flag          ? 
# 
loop_
_citation_author.citation_id 
_citation_author.name 
_citation_author.ordinal 
_citation_author.identifier_ORCID 
primary 'Mravic, M.'     1 ? 
primary 'Anderson, C.T.' 2 ? 
# 
loop_
_entity.id 
_entity.type 
_entity.src_method 
_entity.pdbx_description 
_entity.formula_weight 
_entity.pdbx_number_of_molecules 
_entity.pdbx_ec 
_entity.pdbx_mutation 
_entity.pdbx_fragment 
_entity.details 
1 polymer man 'Designed apolar TM domain aITL_04927' 3308.152 1 ? ? ? ? 
2 water   nat water                                  18.015   1 ? ? ? ? 
# 
_entity_poly.entity_id                      1 
_entity_poly.type                           'polypeptide(L)' 
_entity_poly.nstd_linkage                   no 
_entity_poly.nstd_monomer                   no 
_entity_poly.pdbx_seq_one_letter_code       ASAEPLIYVLLVLTLALVFLLYKLMKWLA 
_entity_poly.pdbx_seq_one_letter_code_can   ASAEPLIYVLLVLTLALVFLLYKLMKWLA 
_entity_poly.pdbx_strand_id                 A 
_entity_poly.pdbx_target_identifier         ? 
# 
_pdbx_entity_nonpoly.entity_id   2 
_pdbx_entity_nonpoly.name        water 
_pdbx_entity_nonpoly.comp_id     HOH 
# 
loop_
_entity_poly_seq.entity_id 
_entity_poly_seq.num 
_entity_poly_seq.mon_id 
_entity_poly_seq.hetero 
1 1  ALA n 
1 2  SER n 
1 3  ALA n 
1 4  GLU n 
1 5  PRO n 
1 6  LEU n 
1 7  ILE n 
1 8  TYR n 
1 9  VAL n 
1 10 LEU n 
1 11 LEU n 
1 12 VAL n 
1 13 LEU n 
1 14 THR n 
1 15 LEU n 
1 16 ALA n 
1 17 LEU n 
1 18 VAL n 
1 19 PHE n 
1 20 LEU n 
1 21 LEU n 
1 22 TYR n 
1 23 LYS n 
1 24 LEU n 
1 25 MET n 
1 26 LYS n 
1 27 TRP n 
1 28 LEU n 
1 29 ALA n 
# 
_entity_src_gen.entity_id                          1 
_entity_src_gen.pdbx_src_id                        1 
_entity_src_gen.pdbx_alt_source_flag               sample 
_entity_src_gen.pdbx_seq_type                      'Biological sequence' 
_entity_src_gen.pdbx_beg_seq_num                   1 
_entity_src_gen.pdbx_end_seq_num                   29 
_entity_src_gen.gene_src_common_name               ? 
_entity_src_gen.gene_src_genus                     ? 
_entity_src_gen.pdbx_gene_src_gene                 ? 
_entity_src_gen.gene_src_species                   ? 
_entity_src_gen.gene_src_strain                    ? 
_entity_src_gen.gene_src_tissue                    ? 
_entity_src_gen.gene_src_tissue_fraction           ? 
_entity_src_gen.gene_src_details                   ? 
_entity_src_gen.pdbx_gene_src_fragment             ? 
_entity_src_gen.pdbx_gene_src_scientific_name      'synthetic construct' 
_entity_src_gen.pdbx_gene_src_ncbi_taxonomy_id     32630 
_entity_src_gen.pdbx_gene_src_variant              ? 
_entity_src_gen.pdbx_gene_src_cell_line            ? 
_entity_src_gen.pdbx_gene_src_atcc                 ? 
_entity_src_gen.pdbx_gene_src_organ                ? 
_entity_src_gen.pdbx_gene_src_organelle            ? 
_entity_src_gen.pdbx_gene_src_cell                 ? 
_entity_src_gen.pdbx_gene_src_cellular_location    ? 
_entity_src_gen.host_org_common_name               ? 
_entity_src_gen.pdbx_host_org_scientific_name      'Escherichia coli B' 
_entity_src_gen.pdbx_host_org_ncbi_taxonomy_id     37762 
_entity_src_gen.host_org_genus                     ? 
_entity_src_gen.pdbx_host_org_gene                 ? 
_entity_src_gen.pdbx_host_org_organ                ? 
_entity_src_gen.host_org_species                   ? 
_entity_src_gen.pdbx_host_org_tissue               ? 
_entity_src_gen.pdbx_host_org_tissue_fraction      ? 
_entity_src_gen.pdbx_host_org_strain               ? 
_entity_src_gen.pdbx_host_org_variant              'C43(DE3)' 
_entity_src_gen.pdbx_host_org_cell_line            ? 
_entity_src_gen.pdbx_host_org_atcc                 ? 
_entity_src_gen.pdbx_host_org_culture_collection   ? 
_entity_src_gen.pdbx_host_org_cell                 ? 
_entity_src_gen.pdbx_host_org_organelle            ? 
_entity_src_gen.pdbx_host_org_cellular_location    ? 
_entity_src_gen.pdbx_host_org_vector_type          ? 
_entity_src_gen.pdbx_host_org_vector               ? 
_entity_src_gen.host_org_details                   ? 
_entity_src_gen.expression_system_id               ? 
_entity_src_gen.plasmid_name                       ? 
_entity_src_gen.plasmid_details                    ? 
_entity_src_gen.pdbx_description                   ? 
# 
loop_
_chem_comp.id 
_chem_comp.type 
_chem_comp.mon_nstd_flag 
_chem_comp.name 
_chem_comp.pdbx_synonyms 
_chem_comp.formula 
_chem_comp.formula_weight 
ALA 'L-peptide linking' y ALANINE         ? 'C3 H7 N O2'     89.093  
GLU 'L-peptide linking' y 'GLUTAMIC ACID' ? 'C5 H9 N O4'     147.129 
HOH non-polymer         . WATER           ? 'H2 O'           18.015  
ILE 'L-peptide linking' y ISOLEUCINE      ? 'C6 H13 N O2'    131.173 
LEU 'L-peptide linking' y LEUCINE         ? 'C6 H13 N O2'    131.173 
LYS 'L-peptide linking' y LYSINE          ? 'C6 H15 N2 O2 1' 147.195 
MET 'L-peptide linking' y METHIONINE      ? 'C5 H11 N O2 S'  149.211 
PHE 'L-peptide linking' y PHENYLALANINE   ? 'C9 H11 N O2'    165.189 
PRO 'L-peptide linking' y PROLINE         ? 'C5 H9 N O2'     115.130 
SER 'L-peptide linking' y SERINE          ? 'C3 H7 N O3'     105.093 
THR 'L-peptide linking' y THREONINE       ? 'C4 H9 N O3'     119.119 
TRP 'L-peptide linking' y TRYPTOPHAN      ? 'C11 H12 N2 O2'  204.225 
TYR 'L-peptide linking' y TYROSINE        ? 'C9 H11 N O3'    181.189 
VAL 'L-peptide linking' y VALINE          ? 'C5 H11 N O2'    117.146 
# 
loop_
_pdbx_poly_seq_scheme.asym_id 
_pdbx_poly_seq_scheme.entity_id 
_pdbx_poly_seq_scheme.seq_id 
_pdbx_poly_seq_scheme.mon_id 
_pdbx_poly_seq_scheme.ndb_seq_num 
_pdbx_poly_seq_scheme.pdb_seq_num 
_pdbx_poly_seq_scheme.auth_seq_num 
_pdbx_poly_seq_scheme.pdb_mon_id 
_pdbx_poly_seq_scheme.auth_mon_id 
_pdbx_poly_seq_scheme.pdb_strand_id 
_pdbx_poly_seq_scheme.pdb_ins_code 
_pdbx_poly_seq_scheme.hetero 
A 1 1  ALA 1  1  1  ALA ALA A . n 
A 1 2  SER 2  2  2  SER SER A . n 
A 1 3  ALA 3  3  3  ALA ALA A . n 
A 1 4  GLU 4  4  4  GLU GLU A . n 
A 1 5  PRO 5  5  5  PRO PRO A . n 
A 1 6  LEU 6  6  6  LEU LEU A . n 
A 1 7  ILE 7  7  7  ILE ILE A . n 
A 1 8  TYR 8  8  8  TYR TYR A . n 
A 1 9  VAL 9  9  9  VAL VAL A . n 
A 1 10 LEU 10 10 10 LEU LEU A . n 
A 1 11 LEU 11 11 11 LEU LEU A . n 
A 1 12 VAL 12 12 12 VAL VAL A . n 
A 1 13 LEU 13 13 13 LEU LEU A . n 
A 1 14 THR 14 14 14 THR THR A . n 
A 1 15 LEU 15 15 15 LEU LEU A . n 
A 1 16 ALA 16 16 16 ALA ALA A . n 
A 1 17 LEU 17 17 17 LEU LEU A . n 
A 1 18 VAL 18 18 18 VAL VAL A . n 
A 1 19 PHE 19 19 19 PHE PHE A . n 
A 1 20 LEU 20 20 20 LEU LEU A . n 
A 1 21 LEU 21 21 21 LEU LEU A . n 
A 1 22 TYR 22 22 22 TYR TYR A . n 
A 1 23 LYS 23 23 23 LYS LYS A . n 
A 1 24 LEU 24 24 24 LEU LEU A . n 
A 1 25 MET 25 25 25 MET MET A . n 
A 1 26 LYS 26 26 26 LYS LYS A . n 
A 1 27 TRP 27 27 27 TRP TRP A . n 
A 1 28 LEU 28 28 28 LEU LEU A . n 
A 1 29 ALA 29 29 29 ALA ALA A . n 
# 
_pdbx_nonpoly_scheme.asym_id         B 
_pdbx_nonpoly_scheme.entity_id       2 
_pdbx_nonpoly_scheme.mon_id          HOH 
_pdbx_nonpoly_scheme.ndb_seq_num     1 
_pdbx_nonpoly_scheme.pdb_seq_num     101 
_pdbx_nonpoly_scheme.auth_seq_num    1 
_pdbx_nonpoly_scheme.pdb_mon_id      HOH 
_pdbx_nonpoly_scheme.auth_mon_id     HOH 
_pdbx_nonpoly_scheme.pdb_strand_id   A 
_pdbx_nonpoly_scheme.pdb_ins_code    . 
# 
loop_
_pdbx_unobs_or_zero_occ_atoms.id 
_pdbx_unobs_or_zero_occ_atoms.PDB_model_num 
_pdbx_unobs_or_zero_occ_atoms.polymer_flag 
_pdbx_unobs_or_zero_occ_atoms.occupancy_flag 
_pdbx_unobs_or_zero_occ_atoms.auth_asym_id 
_pdbx_unobs_or_zero_occ_atoms.auth_comp_id 
_pdbx_unobs_or_zero_occ_atoms.auth_seq_id 
_pdbx_unobs_or_zero_occ_atoms.PDB_ins_code 
_pdbx_unobs_or_zero_occ_atoms.auth_atom_id 
_pdbx_unobs_or_zero_occ_atoms.label_alt_id 
_pdbx_unobs_or_zero_occ_atoms.label_asym_id 
_pdbx_unobs_or_zero_occ_atoms.label_comp_id 
_pdbx_unobs_or_zero_occ_atoms.label_seq_id 
_pdbx_unobs_or_zero_occ_atoms.label_atom_id 
1  1 Y 1 A ALA 1  ? CB  ? A ALA 1  CB  
2  1 Y 1 A GLU 4  ? CD  ? A GLU 4  CD  
3  1 Y 1 A GLU 4  ? OE1 ? A GLU 4  OE1 
4  1 Y 1 A GLU 4  ? OE2 ? A GLU 4  OE2 
5  1 Y 1 A LYS 23 ? CD  ? A LYS 23 CD  
6  1 Y 1 A LYS 23 ? CE  ? A LYS 23 CE  
7  1 Y 1 A LYS 23 ? NZ  ? A LYS 23 NZ  
8  1 Y 1 A LYS 26 ? CD  ? A LYS 26 CD  
9  1 Y 1 A LYS 26 ? CE  ? A LYS 26 CE  
10 1 Y 1 A LYS 26 ? NZ  ? A LYS 26 NZ  
11 1 Y 1 A TRP 27 ? CG  ? A TRP 27 CG  
12 1 Y 1 A TRP 27 ? CD1 ? A TRP 27 CD1 
13 1 Y 1 A TRP 27 ? CD2 ? A TRP 27 CD2 
14 1 Y 1 A TRP 27 ? NE1 ? A TRP 27 NE1 
15 1 Y 1 A TRP 27 ? CE2 ? A TRP 27 CE2 
16 1 Y 1 A TRP 27 ? CE3 ? A TRP 27 CE3 
17 1 Y 1 A TRP 27 ? CZ2 ? A TRP 27 CZ2 
18 1 Y 1 A TRP 27 ? CZ3 ? A TRP 27 CZ3 
19 1 Y 1 A TRP 27 ? CH2 ? A TRP 27 CH2 
20 1 Y 1 A ALA 29 ? CB  ? A ALA 29 CB  
# 
loop_
_software.citation_id 
_software.classification 
_software.compiler_name 
_software.compiler_version 
_software.contact_author 
_software.contact_author_email 
_software.date 
_software.description 
_software.dependencies 
_software.hardware 
_software.language 
_software.location 
_software.mods 
_software.name 
_software.os 
_software.os_version 
_software.type 
_software.version 
_software.pdbx_ordinal 
? refinement       ? ? ? ? ? ? ? ? ? ? ? PHENIX  ? ? ? 1.13_2998 1 
? 'data reduction' ? ? ? ? ? ? ? ? ? ? ? XDS     ? ? ? .         2 
? 'data scaling'   ? ? ? ? ? ? ? ? ? ? ? Aimless ? ? ? .         3 
? phasing          ? ? ? ? ? ? ? ? ? ? ? PHENIX  ? ? ? .         4 
# 
_cell.angle_alpha                  90.000 
_cell.angle_alpha_esd              ? 
_cell.angle_beta                   90.000 
_cell.angle_beta_esd               ? 
_cell.angle_gamma                  90.000 
_cell.angle_gamma_esd              ? 
_cell.entry_id                     8V94 
_cell.details                      ? 
_cell.formula_units_Z              ? 
_cell.length_a                     22.059 
_cell.length_a_esd                 ? 
_cell.length_b                     85.888 
_cell.length_b_esd                 ? 
_cell.length_c                     10.759 
_cell.length_c_esd                 ? 
_cell.volume                       20384.038 
_cell.volume_esd                   ? 
_cell.Z_PDB                        4 
_cell.reciprocal_angle_alpha       ? 
_cell.reciprocal_angle_beta        ? 
_cell.reciprocal_angle_gamma       ? 
_cell.reciprocal_angle_alpha_esd   ? 
_cell.reciprocal_angle_beta_esd    ? 
_cell.reciprocal_angle_gamma_esd   ? 
_cell.reciprocal_length_a          ? 
_cell.reciprocal_length_b          ? 
_cell.reciprocal_length_c          ? 
_cell.reciprocal_length_a_esd      ? 
_cell.reciprocal_length_b_esd      ? 
_cell.reciprocal_length_c_esd      ? 
_cell.pdbx_unique_axis             ? 
_cell.pdbx_esd_method              ? 
# 
_symmetry.entry_id                         8V94 
_symmetry.cell_setting                     ? 
_symmetry.Int_Tables_number                18 
_symmetry.space_group_name_Hall            'P 2 2ab' 
_symmetry.space_group_name_H-M             'P 21 21 2' 
_symmetry.pdbx_full_space_group_name_H-M   ? 
# 
_exptl.absorpt_coefficient_mu     ? 
_exptl.absorpt_correction_T_max   ? 
_exptl.absorpt_correction_T_min   ? 
_exptl.absorpt_correction_type    ? 
_exptl.absorpt_process_details    ? 
_exptl.entry_id                   8V94 
_exptl.crystals_number            1 
_exptl.details                    ? 
_exptl.method                     'X-RAY DIFFRACTION' 
_exptl.method_details             ? 
# 
_exptl_crystal.colour                       ? 
_exptl_crystal.density_diffrn               ? 
_exptl_crystal.density_Matthews             1.54 
_exptl_crystal.density_method               ? 
_exptl_crystal.density_percent_sol          20.15 
_exptl_crystal.description                  ? 
_exptl_crystal.F_000                        ? 
_exptl_crystal.id                           1 
_exptl_crystal.preparation                  ? 
_exptl_crystal.size_max                     ? 
_exptl_crystal.size_mid                     ? 
_exptl_crystal.size_min                     ? 
_exptl_crystal.size_rad                     ? 
_exptl_crystal.colour_lustre                ? 
_exptl_crystal.colour_modifier              ? 
_exptl_crystal.colour_primary               ? 
_exptl_crystal.density_meas                 ? 
_exptl_crystal.density_meas_esd             ? 
_exptl_crystal.density_meas_gt              ? 
_exptl_crystal.density_meas_lt              ? 
_exptl_crystal.density_meas_temp            ? 
_exptl_crystal.density_meas_temp_esd        ? 
_exptl_crystal.density_meas_temp_gt         ? 
_exptl_crystal.density_meas_temp_lt         ? 
_exptl_crystal.pdbx_crystal_image_url       ? 
_exptl_crystal.pdbx_crystal_image_format    ? 
_exptl_crystal.pdbx_mosaicity               ? 
_exptl_crystal.pdbx_mosaicity_esd           ? 
_exptl_crystal.pdbx_mosaic_method           ? 
_exptl_crystal.pdbx_mosaic_block_size       ? 
_exptl_crystal.pdbx_mosaic_block_size_esd   ? 
# 
_exptl_crystal_grow.apparatus       ? 
_exptl_crystal_grow.atmosphere      ? 
_exptl_crystal_grow.crystal_id      1 
_exptl_crystal_grow.details         ? 
_exptl_crystal_grow.method          'LIPIDIC CUBIC PHASE' 
_exptl_crystal_grow.method_ref      ? 
_exptl_crystal_grow.pH              6.5 
_exptl_crystal_grow.pressure        ? 
_exptl_crystal_grow.pressure_esd    ? 
_exptl_crystal_grow.seeding         ? 
_exptl_crystal_grow.seeding_ref     ? 
_exptl_crystal_grow.temp_details    ? 
_exptl_crystal_grow.temp_esd        ? 
_exptl_crystal_grow.time            ? 
_exptl_crystal_grow.pdbx_details    '0.1 M ADA pH 6.5, 0.1M NaCl, 0.1 M Li2SO4, 11.5 % PEG4000' 
_exptl_crystal_grow.pdbx_pH_range   ? 
_exptl_crystal_grow.temp            293 
# 
_diffrn.ambient_environment              ? 
_diffrn.ambient_temp                     100 
_diffrn.ambient_temp_details             ? 
_diffrn.ambient_temp_esd                 ? 
_diffrn.crystal_id                       1 
_diffrn.crystal_support                  ? 
_diffrn.crystal_treatment                ? 
_diffrn.details                          ? 
_diffrn.id                               1 
_diffrn.ambient_pressure                 ? 
_diffrn.ambient_pressure_esd             ? 
_diffrn.ambient_pressure_gt              ? 
_diffrn.ambient_pressure_lt              ? 
_diffrn.ambient_temp_gt                  ? 
_diffrn.ambient_temp_lt                  ? 
_diffrn.pdbx_serial_crystal_experiment   N 
# 
_diffrn_detector.details                      ? 
_diffrn_detector.detector                     PIXEL 
_diffrn_detector.diffrn_id                    1 
_diffrn_detector.type                         'DECTRIS EIGER X 16M' 
_diffrn_detector.area_resol_mean              ? 
_diffrn_detector.dtime                        ? 
_diffrn_detector.pdbx_frames_total            ? 
_diffrn_detector.pdbx_collection_time_total   ? 
_diffrn_detector.pdbx_collection_date         2023-11-28 
_diffrn_detector.pdbx_frequency               ? 
_diffrn_detector.id                           ? 
_diffrn_detector.number_of_axes               ? 
# 
_diffrn_radiation.collimation                      ? 
_diffrn_radiation.diffrn_id                        1 
_diffrn_radiation.filter_edge                      ? 
_diffrn_radiation.inhomogeneity                    ? 
_diffrn_radiation.monochromator                    ? 
_diffrn_radiation.polarisn_norm                    ? 
_diffrn_radiation.polarisn_ratio                   ? 
_diffrn_radiation.probe                            ? 
_diffrn_radiation.type                             ? 
_diffrn_radiation.xray_symbol                      ? 
_diffrn_radiation.wavelength_id                    1 
_diffrn_radiation.pdbx_monochromatic_or_laue_m_l   M 
_diffrn_radiation.pdbx_wavelength_list             ? 
_diffrn_radiation.pdbx_wavelength                  ? 
_diffrn_radiation.pdbx_diffrn_protocol             'SINGLE WAVELENGTH' 
_diffrn_radiation.pdbx_analyzer                    ? 
_diffrn_radiation.pdbx_scattering_type             x-ray 
# 
_diffrn_radiation_wavelength.id           1 
_diffrn_radiation_wavelength.wavelength   0.979460 
_diffrn_radiation_wavelength.wt           1.0 
# 
_diffrn_source.current                     ? 
_diffrn_source.details                     ? 
_diffrn_source.diffrn_id                   1 
_diffrn_source.power                       ? 
_diffrn_source.size                        ? 
_diffrn_source.source                      SYNCHROTRON 
_diffrn_source.target                      ? 
_diffrn_source.type                        'SSRL BEAMLINE BL12-1' 
_diffrn_source.voltage                     ? 
_diffrn_source.take-off_angle              ? 
_diffrn_source.pdbx_wavelength_list        0.979460 
_diffrn_source.pdbx_wavelength             ? 
_diffrn_source.pdbx_synchrotron_beamline   BL12-1 
_diffrn_source.pdbx_synchrotron_site       SSRL 
# 
_reflns.B_iso_Wilson_estimate                          12.96 
_reflns.entry_id                                       8V94 
_reflns.data_reduction_details                         ? 
_reflns.data_reduction_method                          ? 
_reflns.d_resolution_high                              1.24 
_reflns.d_resolution_low                               21.37 
_reflns.details                                        ? 
_reflns.limit_h_max                                    ? 
_reflns.limit_h_min                                    ? 
_reflns.limit_k_max                                    ? 
_reflns.limit_k_min                                    ? 
_reflns.limit_l_max                                    ? 
_reflns.limit_l_min                                    ? 
_reflns.number_all                                     ? 
_reflns.number_obs                                     6170 
_reflns.observed_criterion                             ? 
_reflns.observed_criterion_F_max                       ? 
_reflns.observed_criterion_F_min                       ? 
_reflns.observed_criterion_I_max                       ? 
_reflns.observed_criterion_I_min                       ? 
_reflns.observed_criterion_sigma_F                     ? 
_reflns.observed_criterion_sigma_I                     ? 
_reflns.percent_possible_obs                           97.04 
_reflns.R_free_details                                 ? 
_reflns.Rmerge_F_all                                   ? 
_reflns.Rmerge_F_obs                                   ? 
_reflns.Friedel_coverage                               ? 
_reflns.number_gt                                      ? 
_reflns.threshold_expression                           ? 
_reflns.pdbx_redundancy                                4.7 
_reflns.pdbx_netI_over_av_sigmaI                       ? 
_reflns.pdbx_netI_over_sigmaI                          21.2 
_reflns.pdbx_res_netI_over_av_sigmaI_2                 ? 
_reflns.pdbx_res_netI_over_sigmaI_2                    ? 
_reflns.pdbx_chi_squared                               ? 
_reflns.pdbx_scaling_rejects                           ? 
_reflns.pdbx_d_res_high_opt                            ? 
_reflns.pdbx_d_res_low_opt                             ? 
_reflns.pdbx_d_res_opt_method                          ? 
_reflns.phase_calculation_details                      ? 
_reflns.pdbx_Rrim_I_all                                0.051 
_reflns.pdbx_Rpim_I_all                                0.023 
_reflns.pdbx_d_opt                                     ? 
_reflns.pdbx_number_measured_all                       ? 
_reflns.pdbx_diffrn_id                                 1 
_reflns.pdbx_ordinal                                   1 
_reflns.pdbx_CC_half                                   .999 
_reflns.pdbx_CC_star                                   ? 
_reflns.pdbx_R_split                                   ? 
_reflns.pdbx_Rmerge_I_obs                              0.045 
_reflns.pdbx_Rmerge_I_all                              ? 
_reflns.pdbx_Rsym_value                                ? 
_reflns.pdbx_CC_split_method                           ? 
_reflns.pdbx_aniso_diffraction_limit_axis_1_ortho[1]   ? 
_reflns.pdbx_aniso_diffraction_limit_axis_1_ortho[2]   ? 
_reflns.pdbx_aniso_diffraction_limit_axis_1_ortho[3]   ? 
_reflns.pdbx_aniso_diffraction_limit_axis_2_ortho[1]   ? 
_reflns.pdbx_aniso_diffraction_limit_axis_2_ortho[2]   ? 
_reflns.pdbx_aniso_diffraction_limit_axis_2_ortho[3]   ? 
_reflns.pdbx_aniso_diffraction_limit_axis_3_ortho[1]   ? 
_reflns.pdbx_aniso_diffraction_limit_axis_3_ortho[2]   ? 
_reflns.pdbx_aniso_diffraction_limit_axis_3_ortho[3]   ? 
_reflns.pdbx_aniso_diffraction_limit_1                 ? 
_reflns.pdbx_aniso_diffraction_limit_2                 ? 
_reflns.pdbx_aniso_diffraction_limit_3                 ? 
_reflns.pdbx_aniso_B_tensor_eigenvector_1_ortho[1]     ? 
_reflns.pdbx_aniso_B_tensor_eigenvector_1_ortho[2]     ? 
_reflns.pdbx_aniso_B_tensor_eigenvector_1_ortho[3]     ? 
_reflns.pdbx_aniso_B_tensor_eigenvector_2_ortho[1]     ? 
_reflns.pdbx_aniso_B_tensor_eigenvector_2_ortho[2]     ? 
_reflns.pdbx_aniso_B_tensor_eigenvector_2_ortho[3]     ? 
_reflns.pdbx_aniso_B_tensor_eigenvector_3_ortho[1]     ? 
_reflns.pdbx_aniso_B_tensor_eigenvector_3_ortho[2]     ? 
_reflns.pdbx_aniso_B_tensor_eigenvector_3_ortho[3]     ? 
_reflns.pdbx_aniso_B_tensor_eigenvalue_1               ? 
_reflns.pdbx_aniso_B_tensor_eigenvalue_2               ? 
_reflns.pdbx_aniso_B_tensor_eigenvalue_3               ? 
_reflns.pdbx_orthogonalization_convention              ? 
_reflns.pdbx_percent_possible_ellipsoidal              ? 
_reflns.pdbx_percent_possible_spherical                ? 
_reflns.pdbx_percent_possible_ellipsoidal_anomalous    ? 
_reflns.pdbx_percent_possible_spherical_anomalous      ? 
_reflns.pdbx_redundancy_anomalous                      ? 
_reflns.pdbx_CC_half_anomalous                         ? 
_reflns.pdbx_absDiff_over_sigma_anomalous              ? 
_reflns.pdbx_percent_possible_anomalous                ? 
_reflns.pdbx_observed_signal_threshold                 ? 
_reflns.pdbx_signal_type                               ? 
_reflns.pdbx_signal_details                            ? 
_reflns.pdbx_signal_software_id                        ? 
# 
_reflns_shell.d_res_high                                    1.24 
_reflns_shell.d_res_low                                     1.284 
_reflns_shell.meanI_over_sigI_all                           ? 
_reflns_shell.meanI_over_sigI_obs                           2.21 
_reflns_shell.number_measured_all                           ? 
_reflns_shell.number_measured_obs                           ? 
_reflns_shell.number_possible                               ? 
_reflns_shell.number_unique_all                             ? 
_reflns_shell.number_unique_obs                             574 
_reflns_shell.percent_possible_obs                          ? 
_reflns_shell.Rmerge_F_all                                  ? 
_reflns_shell.Rmerge_F_obs                                  ? 
_reflns_shell.meanI_over_sigI_gt                            ? 
_reflns_shell.meanI_over_uI_all                             ? 
_reflns_shell.meanI_over_uI_gt                              ? 
_reflns_shell.number_measured_gt                            ? 
_reflns_shell.number_unique_gt                              ? 
_reflns_shell.percent_possible_gt                           ? 
_reflns_shell.Rmerge_F_gt                                   ? 
_reflns_shell.Rmerge_I_gt                                   ? 
_reflns_shell.pdbx_redundancy                               4.4 
_reflns_shell.pdbx_chi_squared                              ? 
_reflns_shell.pdbx_netI_over_sigmaI_all                     ? 
_reflns_shell.pdbx_netI_over_sigmaI_obs                     ? 
_reflns_shell.pdbx_Rrim_I_all                               0.387 
_reflns_shell.pdbx_Rpim_I_all                               0.177 
_reflns_shell.pdbx_rejects                                  ? 
_reflns_shell.pdbx_ordinal                                  1 
_reflns_shell.pdbx_diffrn_id                                1 
_reflns_shell.pdbx_CC_half                                  0.892 
_reflns_shell.pdbx_CC_star                                  ? 
_reflns_shell.pdbx_R_split                                  ? 
_reflns_shell.percent_possible_all                          93.94 
_reflns_shell.Rmerge_I_all                                  ? 
_reflns_shell.Rmerge_I_obs                                  0.342 
_reflns_shell.pdbx_Rsym_value                               ? 
_reflns_shell.pdbx_percent_possible_ellipsoidal             ? 
_reflns_shell.pdbx_percent_possible_spherical               ? 
_reflns_shell.pdbx_percent_possible_ellipsoidal_anomalous   ? 
_reflns_shell.pdbx_percent_possible_spherical_anomalous     ? 
_reflns_shell.pdbx_redundancy_anomalous                     ? 
_reflns_shell.pdbx_CC_half_anomalous                        ? 
_reflns_shell.pdbx_absDiff_over_sigma_anomalous             ? 
_reflns_shell.pdbx_percent_possible_anomalous               ? 
# 
_refine.aniso_B[1][1]                            ? 
_refine.aniso_B[1][2]                            ? 
_refine.aniso_B[1][3]                            ? 
_refine.aniso_B[2][2]                            ? 
_refine.aniso_B[2][3]                            ? 
_refine.aniso_B[3][3]                            ? 
_refine.B_iso_max                                ? 
_refine.B_iso_mean                               19.70 
_refine.B_iso_min                                ? 
_refine.correlation_coeff_Fo_to_Fc               ? 
_refine.correlation_coeff_Fo_to_Fc_free          ? 
_refine.details                                  ? 
_refine.diff_density_max                         ? 
_refine.diff_density_max_esd                     ? 
_refine.diff_density_min                         ? 
_refine.diff_density_min_esd                     ? 
_refine.diff_density_rms                         ? 
_refine.diff_density_rms_esd                     ? 
_refine.entry_id                                 8V94 
_refine.pdbx_refine_id                           'X-RAY DIFFRACTION' 
_refine.ls_abs_structure_details                 ? 
_refine.ls_abs_structure_Flack                   ? 
_refine.ls_abs_structure_Flack_esd               ? 
_refine.ls_abs_structure_Rogers                  ? 
_refine.ls_abs_structure_Rogers_esd              ? 
_refine.ls_d_res_high                            1.24 
_refine.ls_d_res_low                             21.37 
_refine.ls_extinction_coef                       ? 
_refine.ls_extinction_coef_esd                   ? 
_refine.ls_extinction_expression                 ? 
_refine.ls_extinction_method                     ? 
_refine.ls_goodness_of_fit_all                   ? 
_refine.ls_goodness_of_fit_all_esd               ? 
_refine.ls_goodness_of_fit_obs                   ? 
_refine.ls_goodness_of_fit_obs_esd               ? 
_refine.ls_hydrogen_treatment                    ? 
_refine.ls_matrix_type                           ? 
_refine.ls_number_constraints                    ? 
_refine.ls_number_parameters                     ? 
_refine.ls_number_reflns_all                     ? 
_refine.ls_number_reflns_obs                     6170 
_refine.ls_number_reflns_R_free                  617 
_refine.ls_number_reflns_R_work                  5553 
_refine.ls_number_restraints                     ? 
_refine.ls_percent_reflns_obs                    97.09 
_refine.ls_percent_reflns_R_free                 10.00 
_refine.ls_R_factor_all                          ? 
_refine.ls_R_factor_obs                          0.1638 
_refine.ls_R_factor_R_free                       0.1749 
_refine.ls_R_factor_R_free_error                 ? 
_refine.ls_R_factor_R_free_error_details         ? 
_refine.ls_R_factor_R_work                       0.1626 
_refine.ls_R_Fsqd_factor_obs                     ? 
_refine.ls_R_I_factor_obs                        ? 
_refine.ls_redundancy_reflns_all                 ? 
_refine.ls_redundancy_reflns_obs                 ? 
_refine.ls_restrained_S_all                      ? 
_refine.ls_restrained_S_obs                      ? 
_refine.ls_shift_over_esd_max                    ? 
_refine.ls_shift_over_esd_mean                   ? 
_refine.ls_structure_factor_coef                 ? 
_refine.ls_weighting_details                     ? 
_refine.ls_weighting_scheme                      ? 
_refine.ls_wR_factor_all                         ? 
_refine.ls_wR_factor_obs                         ? 
_refine.ls_wR_factor_R_free                      ? 
_refine.ls_wR_factor_R_work                      ? 
_refine.occupancy_max                            ? 
_refine.occupancy_min                            ? 
_refine.solvent_model_details                    'FLAT BULK SOLVENT MODEL' 
_refine.solvent_model_param_bsol                 ? 
_refine.solvent_model_param_ksol                 ? 
_refine.pdbx_R_complete                          ? 
_refine.ls_R_factor_gt                           ? 
_refine.ls_goodness_of_fit_gt                    ? 
_refine.ls_goodness_of_fit_ref                   ? 
_refine.ls_shift_over_su_max                     ? 
_refine.ls_shift_over_su_max_lt                  ? 
_refine.ls_shift_over_su_mean                    ? 
_refine.ls_shift_over_su_mean_lt                 ? 
_refine.pdbx_ls_sigma_I                          ? 
_refine.pdbx_ls_sigma_F                          1.38 
_refine.pdbx_ls_sigma_Fsqd                       ? 
_refine.pdbx_data_cutoff_high_absF               ? 
_refine.pdbx_data_cutoff_high_rms_absF           ? 
_refine.pdbx_data_cutoff_low_absF                ? 
_refine.pdbx_isotropic_thermal_model             ? 
_refine.pdbx_ls_cross_valid_method               'FREE R-VALUE' 
_refine.pdbx_method_to_determine_struct          'MOLECULAR REPLACEMENT' 
_refine.pdbx_starting_model                      ? 
_refine.pdbx_stereochemistry_target_values       'GeoStd + Monomer Library' 
_refine.pdbx_R_Free_selection_details            ? 
_refine.pdbx_stereochem_target_val_spec_case     ? 
_refine.pdbx_overall_ESU_R                       ? 
_refine.pdbx_overall_ESU_R_Free                  ? 
_refine.pdbx_solvent_vdw_probe_radii             1.1100 
_refine.pdbx_solvent_ion_probe_radii             ? 
_refine.pdbx_solvent_shrinkage_radii             0.9000 
_refine.pdbx_real_space_R                        ? 
_refine.pdbx_density_correlation                 ? 
_refine.pdbx_pd_number_of_powder_patterns        ? 
_refine.pdbx_pd_number_of_points                 ? 
_refine.pdbx_pd_meas_number_of_points            ? 
_refine.pdbx_pd_proc_ls_prof_R_factor            ? 
_refine.pdbx_pd_proc_ls_prof_wR_factor           ? 
_refine.pdbx_pd_Marquardt_correlation_coeff      ? 
_refine.pdbx_pd_Fsqrd_R_factor                   ? 
_refine.pdbx_pd_ls_matrix_band_width             ? 
_refine.pdbx_overall_phase_error                 18.8624 
_refine.pdbx_overall_SU_R_free_Cruickshank_DPI   ? 
_refine.pdbx_overall_SU_R_free_Blow_DPI          ? 
_refine.pdbx_overall_SU_R_Blow_DPI               ? 
_refine.pdbx_TLS_residual_ADP_flag               ? 
_refine.pdbx_diffrn_id                           1 
_refine.overall_SU_B                             ? 
_refine.overall_SU_ML                            0.0860 
_refine.overall_SU_R_Cruickshank_DPI             ? 
_refine.overall_SU_R_free                        ? 
_refine.overall_FOM_free_R_set                   ? 
_refine.overall_FOM_work_R_set                   ? 
_refine.pdbx_average_fsc_overall                 ? 
_refine.pdbx_average_fsc_work                    ? 
_refine.pdbx_average_fsc_free                    ? 
# 
_refine_hist.pdbx_refine_id                   'X-RAY DIFFRACTION' 
_refine_hist.cycle_id                         LAST 
_refine_hist.details                          ? 
_refine_hist.d_res_high                       1.24 
_refine_hist.d_res_low                        21.37 
_refine_hist.number_atoms_solvent             1 
_refine_hist.number_atoms_total               214 
_refine_hist.number_reflns_all                ? 
_refine_hist.number_reflns_obs                ? 
_refine_hist.number_reflns_R_free             ? 
_refine_hist.number_reflns_R_work             ? 
_refine_hist.R_factor_all                     ? 
_refine_hist.R_factor_obs                     ? 
_refine_hist.R_factor_R_free                  ? 
_refine_hist.R_factor_R_work                  ? 
_refine_hist.pdbx_number_residues_total       ? 
_refine_hist.pdbx_B_iso_mean_ligand           ? 
_refine_hist.pdbx_B_iso_mean_solvent          ? 
_refine_hist.pdbx_number_atoms_protein        213 
_refine_hist.pdbx_number_atoms_nucleic_acid   0 
_refine_hist.pdbx_number_atoms_ligand         0 
_refine_hist.pdbx_number_atoms_lipid          ? 
_refine_hist.pdbx_number_atoms_carb           ? 
_refine_hist.pdbx_pseudo_atom_details         ? 
# 
loop_
_refine_ls_restr.pdbx_refine_id 
_refine_ls_restr.criterion 
_refine_ls_restr.dev_ideal 
_refine_ls_restr.dev_ideal_target 
_refine_ls_restr.number 
_refine_ls_restr.rejects 
_refine_ls_restr.type 
_refine_ls_restr.weight 
_refine_ls_restr.pdbx_restraint_function 
'X-RAY DIFFRACTION' ? 0.0042 ? 225 ? f_bond_d           ? ? 
'X-RAY DIFFRACTION' ? 0.7244 ? 309 ? f_angle_d          ? ? 
'X-RAY DIFFRACTION' ? 0.0512 ? 44  ? f_chiral_restr     ? ? 
'X-RAY DIFFRACTION' ? 0.0059 ? 34  ? f_plane_restr      ? ? 
'X-RAY DIFFRACTION' ? 9.5513 ? 76  ? f_dihedral_angle_d ? ? 
# 
loop_
_refine_ls_shell.pdbx_refine_id 
_refine_ls_shell.d_res_high 
_refine_ls_shell.d_res_low 
_refine_ls_shell.number_reflns_all 
_refine_ls_shell.number_reflns_obs 
_refine_ls_shell.number_reflns_R_free 
_refine_ls_shell.number_reflns_R_work 
_refine_ls_shell.percent_reflns_obs 
_refine_ls_shell.percent_reflns_R_free 
_refine_ls_shell.R_factor_all 
_refine_ls_shell.R_factor_obs 
_refine_ls_shell.R_factor_R_free_error 
_refine_ls_shell.R_factor_R_work 
_refine_ls_shell.redundancy_reflns_all 
_refine_ls_shell.redundancy_reflns_obs 
_refine_ls_shell.wR_factor_all 
_refine_ls_shell.wR_factor_obs 
_refine_ls_shell.wR_factor_R_free 
_refine_ls_shell.wR_factor_R_work 
_refine_ls_shell.pdbx_R_complete 
_refine_ls_shell.pdbx_total_number_of_bins_used 
_refine_ls_shell.pdbx_phase_error 
_refine_ls_shell.pdbx_fsc_work 
_refine_ls_shell.pdbx_fsc_free 
_refine_ls_shell.R_factor_R_free 
'X-RAY DIFFRACTION' 1.24 1.36  . . 145 1303 93.78 . . . . 0.1434 . . . . . . . . . . . 0.1816 
'X-RAY DIFFRACTION' 1.36 1.56  . . 151 1360 97.30 . . . . 0.1385 . . . . . . . . . . . 0.1675 
'X-RAY DIFFRACTION' 1.56 1.97  . . 154 1389 99.36 . . . . 0.1605 . . . . . . . . . . . 0.1859 
'X-RAY DIFFRACTION' 1.97 21.37 . . 167 1501 97.83 . . . . 0.1697 . . . . . . . . . . . 0.1723 
# 
_struct.entry_id                     8V94 
_struct.title                        'De novo designed homo-oligomeric TM domain aITL_04927' 
_struct.pdbx_model_details           ? 
_struct.pdbx_formula_weight          ? 
_struct.pdbx_formula_weight_method   ? 
_struct.pdbx_model_type_details      ? 
_struct.pdbx_CASP_flag               N 
# 
_struct_keywords.entry_id        8V94 
_struct_keywords.text            'Synthetic, Transmembrane, Membrane Protein, De Novo Design, Homo-oligomer, DE NOVO PROTEIN' 
_struct_keywords.pdbx_keywords   'DE NOVO PROTEIN' 
# 
loop_
_struct_asym.id 
_struct_asym.pdbx_blank_PDB_chainid_flag 
_struct_asym.pdbx_modified 
_struct_asym.entity_id 
_struct_asym.details 
A N N 1 ? 
B N N 2 ? 
# 
_struct_ref.id                         1 
_struct_ref.db_name                    PDB 
_struct_ref.db_code                    8V94 
_struct_ref.pdbx_db_accession          8V94 
_struct_ref.pdbx_db_isoform            ? 
_struct_ref.entity_id                  1 
_struct_ref.pdbx_seq_one_letter_code   ? 
_struct_ref.pdbx_align_begin           1 
# 
_struct_ref_seq.align_id                      1 
_struct_ref_seq.ref_id                        1 
_struct_ref_seq.pdbx_PDB_id_code              8V94 
_struct_ref_seq.pdbx_strand_id                A 
_struct_ref_seq.seq_align_beg                 1 
_struct_ref_seq.pdbx_seq_align_beg_ins_code   ? 
_struct_ref_seq.seq_align_end                 29 
_struct_ref_seq.pdbx_seq_align_end_ins_code   ? 
_struct_ref_seq.pdbx_db_accession             8V94 
_struct_ref_seq.db_align_beg                  1 
_struct_ref_seq.pdbx_db_align_beg_ins_code    ? 
_struct_ref_seq.db_align_end                  29 
_struct_ref_seq.pdbx_db_align_end_ins_code    ? 
_struct_ref_seq.pdbx_auth_seq_align_beg       1 
_struct_ref_seq.pdbx_auth_seq_align_end       29 
# 
_pdbx_struct_assembly.id                   1 
_pdbx_struct_assembly.details              author_and_software_defined_assembly 
_pdbx_struct_assembly.method_details       PISA 
_pdbx_struct_assembly.oligomeric_details   dimeric 
_pdbx_struct_assembly.oligomeric_count     2 
# 
loop_
_pdbx_struct_assembly_prop.biol_id 
_pdbx_struct_assembly_prop.type 
_pdbx_struct_assembly_prop.value 
_pdbx_struct_assembly_prop.details 
1 'ABSA (A^2)' 1000 ? 
1 MORE         -14  ? 
1 'SSA (A^2)'  4730 ? 
# 
_pdbx_struct_assembly_gen.assembly_id       1 
_pdbx_struct_assembly_gen.oper_expression   1,2 
_pdbx_struct_assembly_gen.asym_id_list      A,B 
# 
loop_
_pdbx_struct_oper_list.id 
_pdbx_struct_oper_list.type 
_pdbx_struct_oper_list.name 
_pdbx_struct_oper_list.symmetry_operation 
_pdbx_struct_oper_list.matrix[1][1] 
_pdbx_struct_oper_list.matrix[1][2] 
_pdbx_struct_oper_list.matrix[1][3] 
_pdbx_struct_oper_list.vector[1] 
_pdbx_struct_oper_list.matrix[2][1] 
_pdbx_struct_oper_list.matrix[2][2] 
_pdbx_struct_oper_list.matrix[2][3] 
_pdbx_struct_oper_list.vector[2] 
_pdbx_struct_oper_list.matrix[3][1] 
_pdbx_struct_oper_list.matrix[3][2] 
_pdbx_struct_oper_list.matrix[3][3] 
_pdbx_struct_oper_list.vector[3] 
1 'identity operation'         1_555 x,y,z       1.0000000000  0.0000000000 0.0000000000 0.0000000000 0.0000000000 1.0000000000  0.0000000000 0.0000000000  0.0000000000 0.0000000000 1.0000000000  0.0000000000  
2 'crystal symmetry operation' 2_765 -x+2,-y+1,z -0.2725733243 0.6823572652 0.6783010729 7.0166588216 0.6823572652 -0.3599197651 0.6362753533 -2.6663263411 0.6783010729 0.6362753533 -0.3675069106 -4.8425659080 
# 
_struct_conf.conf_type_id            HELX_P 
_struct_conf.id                      HELX_P1 
_struct_conf.pdbx_PDB_helix_id       AA1 
_struct_conf.beg_label_comp_id       GLU 
_struct_conf.beg_label_asym_id       A 
_struct_conf.beg_label_seq_id        4 
_struct_conf.pdbx_beg_PDB_ins_code   ? 
_struct_conf.end_label_comp_id       ALA 
_struct_conf.end_label_asym_id       A 
_struct_conf.end_label_seq_id        29 
_struct_conf.pdbx_end_PDB_ins_code   ? 
_struct_conf.beg_auth_comp_id        GLU 
_struct_conf.beg_auth_asym_id        A 
_struct_conf.beg_auth_seq_id         4 
_struct_conf.end_auth_comp_id        ALA 
_struct_conf.end_auth_asym_id        A 
_struct_conf.end_auth_seq_id         29 
_struct_conf.pdbx_PDB_helix_class    1 
_struct_conf.details                 ? 
_struct_conf.pdbx_PDB_helix_length   26 
# 
_struct_conf_type.id          HELX_P 
_struct_conf_type.criteria    ? 
_struct_conf_type.reference   ? 
# 
_pdbx_entry_details.entry_id                   8V94 
_pdbx_entry_details.compound_details           ? 
_pdbx_entry_details.source_details             ? 
_pdbx_entry_details.nonpolymer_details         ? 
_pdbx_entry_details.sequence_details           ? 
_pdbx_entry_details.has_ligand_of_interest     ? 
_pdbx_entry_details.has_protein_modification   N 
# 
loop_
_space_group_symop.id 
_space_group_symop.operation_xyz 
1 x,y,z           
2 x+1/2,-y+1/2,-z 
3 -x+1/2,y+1/2,-z 
4 -x,-y,z         
# 
loop_
_chem_comp_atom.comp_id 
_chem_comp_atom.atom_id 
_chem_comp_atom.type_symbol 
_chem_comp_atom.pdbx_aromatic_flag 
_chem_comp_atom.pdbx_stereo_config 
_chem_comp_atom.pdbx_ordinal 
ALA N    N N N 1   
ALA CA   C N S 2   
ALA C    C N N 3   
ALA O    O N N 4   
ALA CB   C N N 5   
ALA OXT  O N N 6   
ALA H    H N N 7   
ALA H2   H N N 8   
ALA HA   H N N 9   
ALA HB1  H N N 10  
ALA HB2  H N N 11  
ALA HB3  H N N 12  
ALA HXT  H N N 13  
GLU N    N N N 14  
GLU CA   C N S 15  
GLU C    C N N 16  
GLU O    O N N 17  
GLU CB   C N N 18  
GLU CG   C N N 19  
GLU CD   C N N 20  
GLU OE1  O N N 21  
GLU OE2  O N N 22  
GLU OXT  O N N 23  
GLU H    H N N 24  
GLU H2   H N N 25  
GLU HA   H N N 26  
GLU HB2  H N N 27  
GLU HB3  H N N 28  
GLU HG2  H N N 29  
GLU HG3  H N N 30  
GLU HE2  H N N 31  
GLU HXT  H N N 32  
HOH O    O N N 33  
HOH H1   H N N 34  
HOH H2   H N N 35  
ILE N    N N N 36  
ILE CA   C N S 37  
ILE C    C N N 38  
ILE O    O N N 39  
ILE CB   C N S 40  
ILE CG1  C N N 41  
ILE CG2  C N N 42  
ILE CD1  C N N 43  
ILE OXT  O N N 44  
ILE H    H N N 45  
ILE H2   H N N 46  
ILE HA   H N N 47  
ILE HB   H N N 48  
ILE HG12 H N N 49  
ILE HG13 H N N 50  
ILE HG21 H N N 51  
ILE HG22 H N N 52  
ILE HG23 H N N 53  
ILE HD11 H N N 54  
ILE HD12 H N N 55  
ILE HD13 H N N 56  
ILE HXT  H N N 57  
LEU N    N N N 58  
LEU CA   C N S 59  
LEU C    C N N 60  
LEU O    O N N 61  
LEU CB   C N N 62  
LEU CG   C N N 63  
LEU CD1  C N N 64  
LEU CD2  C N N 65  
LEU OXT  O N N 66  
LEU H    H N N 67  
LEU H2   H N N 68  
LEU HA   H N N 69  
LEU HB2  H N N 70  
LEU HB3  H N N 71  
LEU HG   H N N 72  
LEU HD11 H N N 73  
LEU HD12 H N N 74  
LEU HD13 H N N 75  
LEU HD21 H N N 76  
LEU HD22 H N N 77  
LEU HD23 H N N 78  
LEU HXT  H N N 79  
LYS N    N N N 80  
LYS CA   C N S 81  
LYS C    C N N 82  
LYS O    O N N 83  
LYS CB   C N N 84  
LYS CG   C N N 85  
LYS CD   C N N 86  
LYS CE   C N N 87  
LYS NZ   N N N 88  
LYS OXT  O N N 89  
LYS H    H N N 90  
LYS H2   H N N 91  
LYS HA   H N N 92  
LYS HB2  H N N 93  
LYS HB3  H N N 94  
LYS HG2  H N N 95  
LYS HG3  H N N 96  
LYS HD2  H N N 97  
LYS HD3  H N N 98  
LYS HE2  H N N 99  
LYS HE3  H N N 100 
LYS HZ1  H N N 101 
LYS HZ2  H N N 102 
LYS HZ3  H N N 103 
LYS HXT  H N N 104 
MET N    N N N 105 
MET CA   C N S 106 
MET C    C N N 107 
MET O    O N N 108 
MET CB   C N N 109 
MET CG   C N N 110 
MET SD   S N N 111 
MET CE   C N N 112 
MET OXT  O N N 113 
MET H    H N N 114 
MET H2   H N N 115 
MET HA   H N N 116 
MET HB2  H N N 117 
MET HB3  H N N 118 
MET HG2  H N N 119 
MET HG3  H N N 120 
MET HE1  H N N 121 
MET HE2  H N N 122 
MET HE3  H N N 123 
MET HXT  H N N 124 
PHE N    N N N 125 
PHE CA   C N S 126 
PHE C    C N N 127 
PHE O    O N N 128 
PHE CB   C N N 129 
PHE CG   C Y N 130 
PHE CD1  C Y N 131 
PHE CD2  C Y N 132 
PHE CE1  C Y N 133 
PHE CE2  C Y N 134 
PHE CZ   C Y N 135 
PHE OXT  O N N 136 
PHE H    H N N 137 
PHE H2   H N N 138 
PHE HA   H N N 139 
PHE HB2  H N N 140 
PHE HB3  H N N 141 
PHE HD1  H N N 142 
PHE HD2  H N N 143 
PHE HE1  H N N 144 
PHE HE2  H N N 145 
PHE HZ   H N N 146 
PHE HXT  H N N 147 
PRO N    N N N 148 
PRO CA   C N S 149 
PRO C    C N N 150 
PRO O    O N N 151 
PRO CB   C N N 152 
PRO CG   C N N 153 
PRO CD   C N N 154 
PRO OXT  O N N 155 
PRO H    H N N 156 
PRO HA   H N N 157 
PRO HB2  H N N 158 
PRO HB3  H N N 159 
PRO HG2  H N N 160 
PRO HG3  H N N 161 
PRO HD2  H N N 162 
PRO HD3  H N N 163 
PRO HXT  H N N 164 
SER N    N N N 165 
SER CA   C N S 166 
SER C    C N N 167 
SER O    O N N 168 
SER CB   C N N 169 
SER OG   O N N 170 
SER OXT  O N N 171 
SER H    H N N 172 
SER H2   H N N 173 
SER HA   H N N 174 
SER HB2  H N N 175 
SER HB3  H N N 176 
SER HG   H N N 177 
SER HXT  H N N 178 
THR N    N N N 179 
THR CA   C N S 180 
THR C    C N N 181 
THR O    O N N 182 
THR CB   C N R 183 
THR OG1  O N N 184 
THR CG2  C N N 185 
THR OXT  O N N 186 
THR H    H N N 187 
THR H2   H N N 188 
THR HA   H N N 189 
THR HB   H N N 190 
THR HG1  H N N 191 
THR HG21 H N N 192 
THR HG22 H N N 193 
THR HG23 H N N 194 
THR HXT  H N N 195 
TRP N    N N N 196 
TRP CA   C N S 197 
TRP C    C N N 198 
TRP O    O N N 199 
TRP CB   C N N 200 
TRP CG   C Y N 201 
TRP CD1  C Y N 202 
TRP CD2  C Y N 203 
TRP NE1  N Y N 204 
TRP CE2  C Y N 205 
TRP CE3  C Y N 206 
TRP CZ2  C Y N 207 
TRP CZ3  C Y N 208 
TRP CH2  C Y N 209 
TRP OXT  O N N 210 
TRP H    H N N 211 
TRP H2   H N N 212 
TRP HA   H N N 213 
TRP HB2  H N N 214 
TRP HB3  H N N 215 
TRP HD1  H N N 216 
TRP HE1  H N N 217 
TRP HE3  H N N 218 
TRP HZ2  H N N 219 
TRP HZ3  H N N 220 
TRP HH2  H N N 221 
TRP HXT  H N N 222 
TYR N    N N N 223 
TYR CA   C N S 224 
TYR C    C N N 225 
TYR O    O N N 226 
TYR CB   C N N 227 
TYR CG   C Y N 228 
TYR CD1  C Y N 229 
TYR CD2  C Y N 230 
TYR CE1  C Y N 231 
TYR CE2  C Y N 232 
TYR CZ   C Y N 233 
TYR OH   O N N 234 
TYR OXT  O N N 235 
TYR H    H N N 236 
TYR H2   H N N 237 
TYR HA   H N N 238 
TYR HB2  H N N 239 
TYR HB3  H N N 240 
TYR HD1  H N N 241 
TYR HD2  H N N 242 
TYR HE1  H N N 243 
TYR HE2  H N N 244 
TYR HH   H N N 245 
TYR HXT  H N N 246 
VAL N    N N N 247 
VAL CA   C N S 248 
VAL C    C N N 249 
VAL O    O N N 250 
VAL CB   C N N 251 
VAL CG1  C N N 252 
VAL CG2  C N N 253 
VAL OXT  O N N 254 
VAL H    H N N 255 
VAL H2   H N N 256 
VAL HA   H N N 257 
VAL HB   H N N 258 
VAL HG11 H N N 259 
VAL HG12 H N N 260 
VAL HG13 H N N 261 
VAL HG21 H N N 262 
VAL HG22 H N N 263 
VAL HG23 H N N 264 
VAL HXT  H N N 265 
# 
loop_
_chem_comp_bond.comp_id 
_chem_comp_bond.atom_id_1 
_chem_comp_bond.atom_id_2 
_chem_comp_bond.value_order 
_chem_comp_bond.pdbx_aromatic_flag 
_chem_comp_bond.pdbx_stereo_config 
_chem_comp_bond.pdbx_ordinal 
ALA N   CA   sing N N 1   
ALA N   H    sing N N 2   
ALA N   H2   sing N N 3   
ALA CA  C    sing N N 4   
ALA CA  CB   sing N N 5   
ALA CA  HA   sing N N 6   
ALA C   O    doub N N 7   
ALA C   OXT  sing N N 8   
ALA CB  HB1  sing N N 9   
ALA CB  HB2  sing N N 10  
ALA CB  HB3  sing N N 11  
ALA OXT HXT  sing N N 12  
GLU N   CA   sing N N 13  
GLU N   H    sing N N 14  
GLU N   H2   sing N N 15  
GLU CA  C    sing N N 16  
GLU CA  CB   sing N N 17  
GLU CA  HA   sing N N 18  
GLU C   O    doub N N 19  
GLU C   OXT  sing N N 20  
GLU CB  CG   sing N N 21  
GLU CB  HB2  sing N N 22  
GLU CB  HB3  sing N N 23  
GLU CG  CD   sing N N 24  
GLU CG  HG2  sing N N 25  
GLU CG  HG3  sing N N 26  
GLU CD  OE1  doub N N 27  
GLU CD  OE2  sing N N 28  
GLU OE2 HE2  sing N N 29  
GLU OXT HXT  sing N N 30  
HOH O   H1   sing N N 31  
HOH O   H2   sing N N 32  
ILE N   CA   sing N N 33  
ILE N   H    sing N N 34  
ILE N   H2   sing N N 35  
ILE CA  C    sing N N 36  
ILE CA  CB   sing N N 37  
ILE CA  HA   sing N N 38  
ILE C   O    doub N N 39  
ILE C   OXT  sing N N 40  
ILE CB  CG1  sing N N 41  
ILE CB  CG2  sing N N 42  
ILE CB  HB   sing N N 43  
ILE CG1 CD1  sing N N 44  
ILE CG1 HG12 sing N N 45  
ILE CG1 HG13 sing N N 46  
ILE CG2 HG21 sing N N 47  
ILE CG2 HG22 sing N N 48  
ILE CG2 HG23 sing N N 49  
ILE CD1 HD11 sing N N 50  
ILE CD1 HD12 sing N N 51  
ILE CD1 HD13 sing N N 52  
ILE OXT HXT  sing N N 53  
LEU N   CA   sing N N 54  
LEU N   H    sing N N 55  
LEU N   H2   sing N N 56  
LEU CA  C    sing N N 57  
LEU CA  CB   sing N N 58  
LEU CA  HA   sing N N 59  
LEU C   O    doub N N 60  
LEU C   OXT  sing N N 61  
LEU CB  CG   sing N N 62  
LEU CB  HB2  sing N N 63  
LEU CB  HB3  sing N N 64  
LEU CG  CD1  sing N N 65  
LEU CG  CD2  sing N N 66  
LEU CG  HG   sing N N 67  
LEU CD1 HD11 sing N N 68  
LEU CD1 HD12 sing N N 69  
LEU CD1 HD13 sing N N 70  
LEU CD2 HD21 sing N N 71  
LEU CD2 HD22 sing N N 72  
LEU CD2 HD23 sing N N 73  
LEU OXT HXT  sing N N 74  
LYS N   CA   sing N N 75  
LYS N   H    sing N N 76  
LYS N   H2   sing N N 77  
LYS CA  C    sing N N 78  
LYS CA  CB   sing N N 79  
LYS CA  HA   sing N N 80  
LYS C   O    doub N N 81  
LYS C   OXT  sing N N 82  
LYS CB  CG   sing N N 83  
LYS CB  HB2  sing N N 84  
LYS CB  HB3  sing N N 85  
LYS CG  CD   sing N N 86  
LYS CG  HG2  sing N N 87  
LYS CG  HG3  sing N N 88  
LYS CD  CE   sing N N 89  
LYS CD  HD2  sing N N 90  
LYS CD  HD3  sing N N 91  
LYS CE  NZ   sing N N 92  
LYS CE  HE2  sing N N 93  
LYS CE  HE3  sing N N 94  
LYS NZ  HZ1  sing N N 95  
LYS NZ  HZ2  sing N N 96  
LYS NZ  HZ3  sing N N 97  
LYS OXT HXT  sing N N 98  
MET N   CA   sing N N 99  
MET N   H    sing N N 100 
MET N   H2   sing N N 101 
MET CA  C    sing N N 102 
MET CA  CB   sing N N 103 
MET CA  HA   sing N N 104 
MET C   O    doub N N 105 
MET C   OXT  sing N N 106 
MET CB  CG   sing N N 107 
MET CB  HB2  sing N N 108 
MET CB  HB3  sing N N 109 
MET CG  SD   sing N N 110 
MET CG  HG2  sing N N 111 
MET CG  HG3  sing N N 112 
MET SD  CE   sing N N 113 
MET CE  HE1  sing N N 114 
MET CE  HE2  sing N N 115 
MET CE  HE3  sing N N 116 
MET OXT HXT  sing N N 117 
PHE N   CA   sing N N 118 
PHE N   H    sing N N 119 
PHE N   H2   sing N N 120 
PHE CA  C    sing N N 121 
PHE CA  CB   sing N N 122 
PHE CA  HA   sing N N 123 
PHE C   O    doub N N 124 
PHE C   OXT  sing N N 125 
PHE CB  CG   sing N N 126 
PHE CB  HB2  sing N N 127 
PHE CB  HB3  sing N N 128 
PHE CG  CD1  doub Y N 129 
PHE CG  CD2  sing Y N 130 
PHE CD1 CE1  sing Y N 131 
PHE CD1 HD1  sing N N 132 
PHE CD2 CE2  doub Y N 133 
PHE CD2 HD2  sing N N 134 
PHE CE1 CZ   doub Y N 135 
PHE CE1 HE1  sing N N 136 
PHE CE2 CZ   sing Y N 137 
PHE CE2 HE2  sing N N 138 
PHE CZ  HZ   sing N N 139 
PHE OXT HXT  sing N N 140 
PRO N   CA   sing N N 141 
PRO N   CD   sing N N 142 
PRO N   H    sing N N 143 
PRO CA  C    sing N N 144 
PRO CA  CB   sing N N 145 
PRO CA  HA   sing N N 146 
PRO C   O    doub N N 147 
PRO C   OXT  sing N N 148 
PRO CB  CG   sing N N 149 
PRO CB  HB2  sing N N 150 
PRO CB  HB3  sing N N 151 
PRO CG  CD   sing N N 152 
PRO CG  HG2  sing N N 153 
PRO CG  HG3  sing N N 154 
PRO CD  HD2  sing N N 155 
PRO CD  HD3  sing N N 156 
PRO OXT HXT  sing N N 157 
SER N   CA   sing N N 158 
SER N   H    sing N N 159 
SER N   H2   sing N N 160 
SER CA  C    sing N N 161 
SER CA  CB   sing N N 162 
SER CA  HA   sing N N 163 
SER C   O    doub N N 164 
SER C   OXT  sing N N 165 
SER CB  OG   sing N N 166 
SER CB  HB2  sing N N 167 
SER CB  HB3  sing N N 168 
SER OG  HG   sing N N 169 
SER OXT HXT  sing N N 170 
THR N   CA   sing N N 171 
THR N   H    sing N N 172 
THR N   H2   sing N N 173 
THR CA  C    sing N N 174 
THR CA  CB   sing N N 175 
THR CA  HA   sing N N 176 
THR C   O    doub N N 177 
THR C   OXT  sing N N 178 
THR CB  OG1  sing N N 179 
THR CB  CG2  sing N N 180 
THR CB  HB   sing N N 181 
THR OG1 HG1  sing N N 182 
THR CG2 HG21 sing N N 183 
THR CG2 HG22 sing N N 184 
THR CG2 HG23 sing N N 185 
THR OXT HXT  sing N N 186 
TRP N   CA   sing N N 187 
TRP N   H    sing N N 188 
TRP N   H2   sing N N 189 
TRP CA  C    sing N N 190 
TRP CA  CB   sing N N 191 
TRP CA  HA   sing N N 192 
TRP C   O    doub N N 193 
TRP C   OXT  sing N N 194 
TRP CB  CG   sing N N 195 
TRP CB  HB2  sing N N 196 
TRP CB  HB3  sing N N 197 
TRP CG  CD1  doub Y N 198 
TRP CG  CD2  sing Y N 199 
TRP CD1 NE1  sing Y N 200 
TRP CD1 HD1  sing N N 201 
TRP CD2 CE2  doub Y N 202 
TRP CD2 CE3  sing Y N 203 
TRP NE1 CE2  sing Y N 204 
TRP NE1 HE1  sing N N 205 
TRP CE2 CZ2  sing Y N 206 
TRP CE3 CZ3  doub Y N 207 
TRP CE3 HE3  sing N N 208 
TRP CZ2 CH2  doub Y N 209 
TRP CZ2 HZ2  sing N N 210 
TRP CZ3 CH2  sing Y N 211 
TRP CZ3 HZ3  sing N N 212 
TRP CH2 HH2  sing N N 213 
TRP OXT HXT  sing N N 214 
TYR N   CA   sing N N 215 
TYR N   H    sing N N 216 
TYR N   H2   sing N N 217 
TYR CA  C    sing N N 218 
TYR CA  CB   sing N N 219 
TYR CA  HA   sing N N 220 
TYR C   O    doub N N 221 
TYR C   OXT  sing N N 222 
TYR CB  CG   sing N N 223 
TYR CB  HB2  sing N N 224 
TYR CB  HB3  sing N N 225 
TYR CG  CD1  doub Y N 226 
TYR CG  CD2  sing Y N 227 
TYR CD1 CE1  sing Y N 228 
TYR CD1 HD1  sing N N 229 
TYR CD2 CE2  doub Y N 230 
TYR CD2 HD2  sing N N 231 
TYR CE1 CZ   doub Y N 232 
TYR CE1 HE1  sing N N 233 
TYR CE2 CZ   sing Y N 234 
TYR CE2 HE2  sing N N 235 
TYR CZ  OH   sing N N 236 
TYR OH  HH   sing N N 237 
TYR OXT HXT  sing N N 238 
VAL N   CA   sing N N 239 
VAL N   H    sing N N 240 
VAL N   H2   sing N N 241 
VAL CA  C    sing N N 242 
VAL CA  CB   sing N N 243 
VAL CA  HA   sing N N 244 
VAL C   O    doub N N 245 
VAL C   OXT  sing N N 246 
VAL CB  CG1  sing N N 247 
VAL CB  CG2  sing N N 248 
VAL CB  HB   sing N N 249 
VAL CG1 HG11 sing N N 250 
VAL CG1 HG12 sing N N 251 
VAL CG1 HG13 sing N N 252 
VAL CG2 HG21 sing N N 253 
VAL CG2 HG22 sing N N 254 
VAL CG2 HG23 sing N N 255 
VAL OXT HXT  sing N N 256 
# 
_pdbx_audit_support.funding_organization   'Not funded' 
_pdbx_audit_support.country                ? 
_pdbx_audit_support.grant_number           ? 
_pdbx_audit_support.ordinal                1 
# 
_pdbx_initial_refinement_model.id               1 
_pdbx_initial_refinement_model.entity_id_list   ? 
_pdbx_initial_refinement_model.type             'in silico model' 
_pdbx_initial_refinement_model.source_name      Other 
_pdbx_initial_refinement_model.accession_code   ? 
_pdbx_initial_refinement_model.details          'Protein Design' 
# 
_space_group.name_H-M_alt     'P 21 21 2' 
_space_group.name_Hall        'P 2 2ab' 
_space_group.IT_number        18 
_space_group.crystal_system   orthorhombic 
_space_group.id               1 
# 
_atom_sites.entry_id                    8V94 
_atom_sites.Cartn_transf_matrix[1][1]   ? 
_atom_sites.Cartn_transf_matrix[1][2]   ? 
_atom_sites.Cartn_transf_matrix[1][3]   ? 
_atom_sites.Cartn_transf_matrix[2][1]   ? 
_atom_sites.Cartn_transf_matrix[2][2]   ? 
_atom_sites.Cartn_transf_matrix[2][3]   ? 
_atom_sites.Cartn_transf_matrix[3][1]   ? 
_atom_sites.Cartn_transf_matrix[3][2]   ? 
_atom_sites.Cartn_transf_matrix[3][3]   ? 
_atom_sites.Cartn_transf_vector[1]      ? 
_atom_sites.Cartn_transf_vector[2]      ? 
_atom_sites.Cartn_transf_vector[3]      ? 
_atom_sites.Cartn_transform_axes        ? 
_atom_sites.fract_transf_matrix[1][1]   0.03058607 
_atom_sites.fract_transf_matrix[1][2]   0.00064862 
_atom_sites.fract_transf_matrix[1][3]   -0.03345374 
_atom_sites.fract_transf_matrix[2][1]   0.00495436 
_atom_sites.fract_transf_matrix[2][2]   -0.00959934 
_atom_sites.fract_transf_matrix[2][3]   0.00434356 
_atom_sites.fract_transf_matrix[3][1]   -0.05605388 
_atom_sites.fract_transf_matrix[3][2]   -0.05258093 
_atom_sites.fract_transf_matrix[3][3]   -0.05226837 
_atom_sites.fract_transf_vector[1]      0.812558 
_atom_sites.fract_transf_vector[2]      0.480335 
_atom_sites.fract_transf_vector[3]      0.733654 
_atom_sites.solution_primary            ? 
_atom_sites.solution_secondary          ? 
_atom_sites.solution_hydrogens          ? 
_atom_sites.special_details             ? 
# 
loop_
_atom_type.symbol 
_atom_type.scat_dispersion_real 
_atom_type.scat_dispersion_imag 
_atom_type.scat_Cromer_Mann_a1 
_atom_type.scat_Cromer_Mann_a2 
_atom_type.scat_Cromer_Mann_b1 
_atom_type.scat_Cromer_Mann_b2 
_atom_type.scat_Cromer_Mann_c 
_atom_type.scat_source 
_atom_type.scat_dispersion_source 
C ? ? 3.54356 2.42580 25.62398 1.50364  0.0 
;2-Gaussian fit: Grosse-Kunstleve RW, Sauter NK, Adams PD: Newsletter of the IUCr Commission on Crystallographic Computing 2004, 3, 22-31.
;
? 
H ? ? 0.51345 0.48472 24.73122 6.32584  0.0 
;2-Gaussian fit: Grosse-Kunstleve RW, Sauter NK, Adams PD: Newsletter of the IUCr Commission on Crystallographic Computing 2004, 3, 22-31.
;
? 
N ? ? 4.01032 2.96436 19.97189 1.75589  0.0 
;2-Gaussian fit: Grosse-Kunstleve RW, Sauter NK, Adams PD: Newsletter of the IUCr Commission on Crystallographic Computing 2004, 3, 22-31.
;
? 
O ? ? 4.49882 3.47563 15.80542 1.70748  0.0 
;2-Gaussian fit: Grosse-Kunstleve RW, Sauter NK, Adams PD: Newsletter of the IUCr Commission on Crystallographic Computing 2004, 3, 22-31.
;
? 
S ? ? 9.55732 6.39887 1.23737  29.19336 0.0 
;2-Gaussian fit: Grosse-Kunstleve RW, Sauter NK, Adams PD: Newsletter of the IUCr Commission on Crystallographic Computing 2004, 3, 22-31.
;
? 
# 
loop_
_atom_site.group_PDB 
_atom_site.id 
_atom_site.type_symbol 
_atom_site.label_atom_id 
_atom_site.label_alt_id 
_atom_site.label_comp_id 
_atom_site.label_asym_id 
_atom_site.label_entity_id 
_atom_site.label_seq_id 
_atom_site.pdbx_PDB_ins_code 
_atom_site.Cartn_x 
_atom_site.Cartn_y 
_atom_site.Cartn_z 
_atom_site.occupancy 
_atom_site.B_iso_or_equiv 
_atom_site.pdbx_formal_charge 
_atom_site.auth_seq_id 
_atom_site.auth_comp_id 
_atom_site.auth_asym_id 
_atom_site.auth_atom_id 
_atom_site.pdbx_PDB_model_num 
ATOM   1   N N    . ALA A 1 1  ? 8.73489   -13.65380 19.40631  1.000 26.93482  ? 1   ALA A N    1 
ATOM   2   C CA   . ALA A 1 1  ? 9.02630   -12.80033 18.21546  1.000 25.52853  ? 1   ALA A CA   1 
ATOM   3   C C    . ALA A 1 1  ? 9.02688   -13.62986 16.93559  1.000 33.36020  ? 1   ALA A C    1 
ATOM   4   O O    . ALA A 1 1  ? 9.67365   -14.67700 16.86662  1.000 33.53952  ? 1   ALA A O    1 
ATOM   5   H H1   . ALA A 1 1  ? 8.74877   -13.15218 20.14135  1.000 32.32535  ? 1   ALA A H1   1 
ATOM   6   H H2   . ALA A 1 1  ? 7.93111   -14.02508 19.31565  1.000 32.32535  ? 1   ALA A H2   1 
ATOM   7   H H3   . ALA A 1 1  ? 9.35114   -14.29262 19.47140  1.000 32.32535  ? 1   ALA A H3   1 
ATOM   8   N N    . SER A 1 2  ? 8.30186   -13.16372 15.92019  1.000 27.04056  ? 2   SER A N    1 
ATOM   9   C CA   . SER A 1 2  ? 8.26234   -13.85780 14.64286  1.000 20.86437  ? 2   SER A CA   1 
ATOM   10  C C    . SER A 1 2  ? 8.11400   -12.83606 13.52277  1.000 21.20573  ? 2   SER A C    1 
ATOM   11  O O    . SER A 1 2  ? 7.98651   -11.63113 13.75898  1.000 23.89467  ? 2   SER A O    1 
ATOM   12  C CB   . SER A 1 2  ? 7.13648   -14.89877 14.60670  1.000 30.95228  ? 2   SER A CB   1 
ATOM   13  O OG   . SER A 1 2  ? 5.88549   -14.29686 14.31951  1.000 31.67463  ? 2   SER A OG   1 
ATOM   14  H H    . SER A 1 2  ? 7.82625   -12.44785 15.95060  1.000 32.45225  ? 2   SER A H    1 
ATOM   15  H HA   . SER A 1 2  ? 9.10715   -14.31826 14.51968  1.000 25.04081  ? 2   SER A HA   1 
ATOM   16  H HB2  . SER A 1 2  ? 7.33555   -15.55231 13.91811  1.000 37.14630  ? 2   SER A HB2  1 
ATOM   17  H HB3  . SER A 1 2  ? 7.08385   -15.33404 15.47195  1.000 37.14630  ? 2   SER A HB3  1 
ATOM   18  H HG   . SER A 1 2  ? 5.27888   -14.87788 14.32592  1.000 38.01313  ? 2   SER A HG   1 
ATOM   19  N N    . ALA A 1 3  ? 8.15218   -13.33831 12.28991  1.000 26.31911  ? 3   ALA A N    1 
ATOM   20  C CA   . ALA A 1 3  ? 7.90918   -12.52130 11.11217  1.000 27.08263  ? 3   ALA A CA   1 
ATOM   21  C C    . ALA A 1 3  ? 6.42743   -12.36351 10.81152  1.000 26.10921  ? 3   ALA A C    1 
ATOM   22  O O    . ALA A 1 3  ? 6.07490   -11.58234 9.92206   1.000 25.78583  ? 3   ALA A O    1 
ATOM   23  C CB   . ALA A 1 3  ? 8.60208   -13.15022 9.89948   1.000 28.23801  ? 3   ALA A CB   1 
ATOM   24  H H    . ALA A 1 3  ? 8.31955   -14.16239 12.10970  1.000 31.58651  ? 3   ALA A H    1 
ATOM   25  H HA   . ALA A 1 3  ? 8.28544   -11.63883 11.25559  1.000 32.50273  ? 3   ALA A HA   1 
ATOM   26  H HB1  . ALA A 1 3  ? 8.44093   -12.59503 9.12058   1.000 33.88918  ? 3   ALA A HB1  1 
ATOM   27  H HB2  . ALA A 1 3  ? 9.55456   -13.20669 10.07411  1.000 33.88918  ? 3   ALA A HB2  1 
ATOM   28  H HB3  . ALA A 1 3  ? 8.23932   -14.03795 9.75370   1.000 33.88918  ? 3   ALA A HB3  1 
ATOM   29  N N    . GLU A 1 4  ? 5.56135   -13.07201 11.53392  1.000 25.51796  ? 4   GLU A N    1 
ATOM   30  C CA   . GLU A 1 4  ? 4.13473   -13.05156 11.22706  1.000 24.73608  ? 4   GLU A CA   1 
ATOM   31  C C    . GLU A 1 4  ? 3.54414   -11.64812 11.17305  1.000 20.71169  ? 4   GLU A C    1 
ATOM   32  O O    . GLU A 1 4  ? 2.74663   -11.38742 10.26060  1.000 18.88397  ? 4   GLU A O    1 
ATOM   33  C CB   . GLU A 1 4  ? 3.37386   -13.94058 12.22392  1.000 27.47091  ? 4   GLU A CB   1 
ATOM   34  C CG   . GLU A 1 4  ? 1.95731   -14.28902 11.79189  1.000 31.48962  ? 4   GLU A CG   1 
ATOM   35  H H    . GLU A 1 4  ? 5.77127   -13.56997 12.20294  1.000 30.62512  ? 4   GLU A H    1 
ATOM   36  H HA   . GLU A 1 4  ? 4.01792   -13.43826 10.34518  1.000 29.68687  ? 4   GLU A HA   1 
ATOM   37  H HB2  . GLU A 1 4  ? 3.86138   -14.77206 12.33294  1.000 32.96867  ? 4   GLU A HB2  1 
ATOM   38  H HB3  . GLU A 1 4  ? 3.31670   -13.47570 13.07334  1.000 32.96867  ? 4   GLU A HB3  1 
ATOM   39  N N    . PRO A 1 5  ? 3.86655   -10.72186 12.08179  1.000 18.73903  ? 5   PRO A N    1 
ATOM   40  C CA   . PRO A 1 5  ? 3.27304   -9.37385  11.99151  1.000 17.34653  ? 5   PRO A CA   1 
ATOM   41  C C    . PRO A 1 5  ? 3.60242   -8.63611  10.71017  1.000 14.59626  ? 5   PRO A C    1 
ATOM   42  O O    . PRO A 1 5  ? 2.90320   -7.67119  10.36736  1.000 13.81924  ? 5   PRO A O    1 
ATOM   43  C CB   . PRO A 1 5  ? 3.84973   -8.64678  13.21441  1.000 18.69466  ? 5   PRO A CB   1 
ATOM   44  C CG   . PRO A 1 5  ? 4.15298   -9.74537  14.17422  1.000 19.20257  ? 5   PRO A CG   1 
ATOM   45  C CD   . PRO A 1 5  ? 4.62334   -10.90120 13.33378  1.000 19.11696  ? 5   PRO A CD   1 
ATOM   46  H HA   . PRO A 1 5  ? 2.30933   -9.43968  12.07991  1.000 20.81941  ? 5   PRO A HA   1 
ATOM   47  H HB2  . PRO A 1 5  ? 4.65408   -8.16389  12.96797  1.000 22.43716  ? 5   PRO A HB2  1 
ATOM   48  H HB3  . PRO A 1 5  ? 3.19302   -8.03314  13.57923  1.000 22.43716  ? 5   PRO A HB3  1 
ATOM   49  H HG2  . PRO A 1 5  ? 4.84776   -9.46144  14.78869  1.000 23.04665  ? 5   PRO A HG2  1 
ATOM   50  H HG3  . PRO A 1 5  ? 3.35111   -9.98149  14.66630  1.000 23.04665  ? 5   PRO A HG3  1 
ATOM   51  H HD2  . PRO A 1 5  ? 5.57843   -10.84776 13.17300  1.000 22.94392  ? 5   PRO A HD2  1 
ATOM   52  H HD3  . PRO A 1 5  ? 4.40447   -11.74776 13.75373  1.000 22.94392  ? 5   PRO A HD3  1 
ATOM   53  N N    . LEU A 1 6  ? 4.64691   -9.04781  9.99359   1.000 14.75926  ? 6   LEU A N    1 
ATOM   54  C CA   . LEU A 1 6  ? 4.96716   -8.41559  8.72187   1.000 14.29680  ? 6   LEU A CA   1 
ATOM   55  C C    . LEU A 1 6  ? 3.92238   -8.71283  7.65305   1.000 12.83256  ? 6   LEU A C    1 
ATOM   56  O O    . LEU A 1 6  ? 3.87150   -7.99737  6.64755   1.000 13.59300  ? 6   LEU A O    1 
ATOM   57  C CB   . LEU A 1 6  ? 6.37113   -8.82356  8.27503   1.000 15.87393  ? 6   LEU A CB   1 
ATOM   58  C CG   . LEU A 1 6  ? 7.47234   -8.23538  9.16832   1.000 18.53732  ? 6   LEU A CG   1 
ATOM   59  C CD1  . LEU A 1 6  ? 8.82153   -8.86850  8.88113   1.000 21.37738  ? 6   LEU A CD1  1 
ATOM   60  C CD2  . LEU A 1 6  ? 7.53717   -6.72093  8.99432   1.000 19.47688  ? 6   LEU A CD2  1 
ATOM   61  H H    . LEU A 1 6  ? 5.17953   -9.68408  10.21955  1.000 17.71469  ? 6   LEU A H    1 
ATOM   62  H HA   . LEU A 1 6  ? 4.98191   -7.45206  8.83279   1.000 17.15974  ? 6   LEU A HA   1 
ATOM   63  H HB2  . LEU A 1 6  ? 6.44304   -9.79041  8.30554   1.000 19.05229  ? 6   LEU A HB2  1 
ATOM   64  H HB3  . LEU A 1 6  ? 6.51765   -8.50839  7.36944   1.000 19.05229  ? 6   LEU A HB3  1 
ATOM   65  H HG   . LEU A 1 6  ? 7.25759   -8.43103  10.09380  1.000 22.24836  ? 6   LEU A HG   1 
ATOM   66  H HD11 . LEU A 1 6  ? 9.48634   -8.47486  9.46760   1.000 25.65642  ? 6   LEU A HD11 1 
ATOM   67  H HD12 . LEU A 1 6  ? 8.76284   -9.82337  9.04148   1.000 25.65642  ? 6   LEU A HD12 1 
ATOM   68  H HD13 . LEU A 1 6  ? 9.05756   -8.70250  7.95505   1.000 25.65642  ? 6   LEU A HD13 1 
ATOM   69  H HD21 . LEU A 1 6  ? 8.37316   -6.39609  9.36379   1.000 23.37583  ? 6   LEU A HD21 1 
ATOM   70  H HD22 . LEU A 1 6  ? 7.48896   -6.50931  8.04891   1.000 23.37583  ? 6   LEU A HD22 1 
ATOM   71  H HD23 . LEU A 1 6  ? 6.78963   -6.31700  9.46223   1.000 23.37583  ? 6   LEU A HD23 1 
ATOM   72  N N    . ILE A 1 7  ? 3.07444   -9.72538  7.84995   1.000 12.96129  ? 7   ILE A N    1 
ATOM   73  C CA   . ILE A 1 7  ? 1.93291   -9.90769  6.95659   1.000 12.94313  ? 7   ILE A CA   1 
ATOM   74  C C    . ILE A 1 7  ? 1.08203   -8.64651  6.95444   1.000 11.53291  ? 7   ILE A C    1 
ATOM   75  O O    . ILE A 1 7  ? 0.72995   -8.10337  5.89971   1.000 12.29375  ? 7   ILE A O    1 
ATOM   76  C CB   . ILE A 1 7  ? 1.10908   -11.14233 7.36767   1.000 15.14204  ? 7   ILE A CB   1 
ATOM   77  C CG1  . ILE A 1 7  ? 1.94853   -12.41501 7.22801   1.000 16.83357  ? 7   ILE A CG1  1 
ATOM   78  C CG2  . ILE A 1 7  ? -0.17078  -11.23604 6.53778   1.000 16.77939  ? 7   ILE A CG2  1 
ATOM   79  C CD1  . ILE A 1 7  ? 1.27063   -13.66816 7.74604   1.000 20.06412  ? 7   ILE A CD1  1 
ATOM   80  H H    . ILE A 1 7  ? 3.13593   -10.30813 8.47941   1.000 15.55713  ? 7   ILE A H    1 
ATOM   81  H HA   . ILE A 1 7  ? 2.26136   -10.06225 6.05707   1.000 15.53533  ? 7   ILE A HA   1 
ATOM   82  H HB   . ILE A 1 7  ? 0.85737   -11.04618 8.29950   1.000 18.17402  ? 7   ILE A HB   1 
ATOM   83  H HG12 . ILE A 1 7  ? 2.14597   -12.55456 6.28862   1.000 20.20385  ? 7   ILE A HG12 1 
ATOM   84  H HG13 . ILE A 1 7  ? 2.77251   -12.29909 7.72654   1.000 20.20385  ? 7   ILE A HG13 1 
ATOM   85  H HG21 . ILE A 1 7  ? -0.59360  -12.09286 6.70507   1.000 20.13884  ? 7   ILE A HG21 1 
ATOM   86  H HG22 . ILE A 1 7  ? -0.76790  -10.51651 6.79585   1.000 20.13884  ? 7   ILE A HG22 1 
ATOM   87  H HG23 . ILE A 1 7  ? 0.05577   -11.15687 5.59792   1.000 20.13884  ? 7   ILE A HG23 1 
ATOM   88  H HD11 . ILE A 1 7  ? 1.94449   -14.34547 7.91361   1.000 24.08052  ? 7   ILE A HD11 1 
ATOM   89  H HD12 . ILE A 1 7  ? 0.80235   -13.45677 8.56880   1.000 24.08052  ? 7   ILE A HD12 1 
ATOM   90  H HD13 . ILE A 1 7  ? 0.64140   -13.98538 7.07945   1.000 24.08052  ? 7   ILE A HD13 1 
ATOM   91  N N    . TYR A 1 8  ? 0.73982   -8.16225  8.14855   1.000 10.62322  ? 8   TYR A N    1 
ATOM   92  C CA   . TYR A 1 8  ? -0.03495  -6.93948  8.26816   1.000 10.04413  ? 8   TYR A CA   1 
ATOM   93  C C    . TYR A 1 8  ? 0.72173   -5.76054  7.68197   1.000 9.75292   ? 8   TYR A C    1 
ATOM   94  O O    . TYR A 1 8  ? 0.16320   -4.96485  6.92068   1.000 9.82343   ? 8   TYR A O    1 
ATOM   95  C CB   . TYR A 1 8  ? -0.36622  -6.67547  9.73711   1.000 10.60061  ? 8   TYR A CB   1 
ATOM   96  C CG   . TYR A 1 8  ? -1.03168  -5.34282  9.91395   1.000 10.34133  ? 8   TYR A CG   1 
ATOM   97  C CD1  . TYR A 1 8  ? -2.36985  -5.18047  9.60568   1.000 10.04385  ? 8   TYR A CD1  1 
ATOM   98  C CD2  . TYR A 1 8  ? -0.31319  -4.23096  10.32757  1.000 10.49245  ? 8   TYR A CD2  1 
ATOM   99  C CE1  . TYR A 1 8  ? -2.99098  -3.95985  9.72674   1.000 9.90786   ? 8   TYR A CE1  1 
ATOM   100 C CE2  . TYR A 1 8  ? -0.92413  -2.99638  10.44671  1.000 10.74001  ? 8   TYR A CE2  1 
ATOM   101 C CZ   . TYR A 1 8  ? -2.26589  -2.87019  10.14607  1.000 10.24789  ? 8   TYR A CZ   1 
ATOM   102 O OH   . TYR A 1 8  ? -2.86338  -1.63840  10.24331  1.000 10.92575  ? 8   TYR A OH   1 
ATOM   103 H H    . TYR A 1 8  ? 0.94436   -8.52346  8.90174   1.000 12.75144  ? 8   TYR A H    1 
ATOM   104 H HA   . TYR A 1 8  ? -0.86643  -7.04587  7.78006   1.000 12.05653  ? 8   TYR A HA   1 
ATOM   105 H HB2  . TYR A 1 8  ? -0.96848  -7.36410  10.05956  1.000 12.72430  ? 8   TYR A HB2  1 
ATOM   106 H HB3  . TYR A 1 8  ? 0.45256   -6.68072  10.25720  1.000 12.72430  ? 8   TYR A HB3  1 
ATOM   107 H HD1  . TYR A 1 8  ? -2.86052  -5.91306  9.30994   1.000 12.05619  ? 8   TYR A HD1  1 
ATOM   108 H HD2  . TYR A 1 8  ? 0.59103   -4.31692  10.52734  1.000 12.59452  ? 8   TYR A HD2  1 
ATOM   109 H HE1  . TYR A 1 8  ? -3.89490  -3.87221  9.52642   1.000 11.89301  ? 8   TYR A HE1  1 
ATOM   110 H HE2  . TYR A 1 8  ? -0.43516  -2.25668  10.72717  1.000 12.89158  ? 8   TYR A HE2  1 
ATOM   111 H HH   . TYR A 1 8  ? -2.28129  -1.04581  10.36829  1.000 13.11448  ? 8   TYR A HH   1 
ATOM   112 N N    . VAL A 1 9  ? 1.99693   -5.62307  8.04504   1.000 9.93693   ? 9   VAL A N    1 
ATOM   113 C CA   . VAL A 1 9  ? 2.77744   -4.46962  7.61046   1.000 10.48437  ? 9   VAL A CA   1 
ATOM   114 C C    . VAL A 1 9  ? 2.84066   -4.40899  6.09197   1.000 9.61191   ? 9   VAL A C    1 
ATOM   115 O O    . VAL A 1 9  ? 2.61585   -3.35305  5.48818   1.000 10.05933  ? 9   VAL A O    1 
ATOM   116 C CB   . VAL A 1 9  ? 4.17681   -4.49773  8.25196   1.000 11.91990  ? 9   VAL A CB   1 
ATOM   117 C CG1  . VAL A 1 9  ? 5.08316   -3.47740  7.61009   1.000 12.11149  ? 9   VAL A CG1  1 
ATOM   118 C CG2  . VAL A 1 9  ? 4.06890   -4.23746  9.74770   1.000 12.08135  ? 9   VAL A CG2  1 
ATOM   119 H H    . VAL A 1 9  ? 2.43059   -6.17829  8.53825   1.000 11.92789  ? 9   VAL A H    1 
ATOM   120 H HA   . VAL A 1 9  ? 2.33283   -3.66197  7.91203   1.000 12.58482  ? 9   VAL A HA   1 
ATOM   121 H HB   . VAL A 1 9  ? 4.56681   -5.37486  8.11257   1.000 14.30745  ? 9   VAL A HB   1 
ATOM   122 H HG11 . VAL A 1 9  ? 5.85050   -3.33057  8.18500   1.000 14.53736  ? 9   VAL A HG11 1 
ATOM   123 H HG12 . VAL A 1 9  ? 5.37513   -3.81238  6.74786   1.000 14.53736  ? 9   VAL A HG12 1 
ATOM   124 H HG13 . VAL A 1 9  ? 4.59321   -2.64829  7.49419   1.000 14.53736  ? 9   VAL A HG13 1 
ATOM   125 H HG21 . VAL A 1 9  ? 4.96006   -4.22032  10.13036  1.000 14.50120  ? 9   VAL A HG21 1 
ATOM   126 H HG22 . VAL A 1 9  ? 3.63180   -3.38311  9.88887   1.000 14.50120  ? 9   VAL A HG22 1 
ATOM   127 H HG23 . VAL A 1 9  ? 3.54766   -4.94697  10.15491  1.000 14.50120  ? 9   VAL A HG23 1 
ATOM   128 N N    . LEU A 1 10 ? 3.14653   -5.53627  5.44854   1.000 9.15835   ? 10  LEU A N    1 
ATOM   129 C CA   . LEU A 1 10 ? 3.25582   -5.51775  3.99565   1.000 10.36088  ? 10  LEU A CA   1 
ATOM   130 C C    . LEU A 1 10 ? 1.90098   -5.29623  3.33928   1.000 9.61972   ? 10  LEU A C    1 
ATOM   131 O O    . LEU A 1 10 ? 1.81544   -4.62973  2.30290   1.000 10.20305  ? 10  LEU A O    1 
ATOM   132 C CB   . LEU A 1 10 ? 3.91714   -6.79717  3.49475   1.000 11.56362  ? 10  LEU A CB   1 
ATOM   133 C CG   . LEU A 1 10 ? 5.37112   -7.00741  3.92985   1.000 13.38348  ? 10  LEU A CG   1 
ATOM   134 C CD1  . LEU A 1 10 ? 5.92648   -8.27382  3.32671   1.000 13.22586  ? 10  LEU A CD1  1 
ATOM   135 C CD2  . LEU A 1 10 ? 6.24369   -5.82352  3.55787   1.000 15.20072  ? 10  LEU A CD2  1 
ATOM   136 H H    . LEU A 1 10 ? 3.29083   -6.29970  5.81726   1.000 10.99359  ? 10  LEU A H    1 
ATOM   137 H HA   . LEU A 1 10 ? 3.82841   -4.77923  3.73561   1.000 12.43663  ? 10  LEU A HA   1 
ATOM   138 H HB2  . LEU A 1 10 ? 3.40533   -7.55251  3.82400   1.000 13.87992  ? 10  LEU A HB2  1 
ATOM   139 H HB3  . LEU A 1 10 ? 3.90497   -6.78563  2.52489   1.000 13.87992  ? 10  LEU A HB3  1 
ATOM   140 H HG   . LEU A 1 10 ? 5.38700   -7.08992  4.89620   1.000 16.06375  ? 10  LEU A HG   1 
ATOM   141 H HD11 . LEU A 1 10 ? 6.82961   -8.40963  3.65354   1.000 15.87460  ? 10  LEU A HD11 1 
ATOM   142 H HD12 . LEU A 1 10 ? 5.36468   -9.02044  3.58718   1.000 15.87460  ? 10  LEU A HD12 1 
ATOM   143 H HD13 . LEU A 1 10 ? 5.93392   -8.18669  2.36066   1.000 15.87460  ? 10  LEU A HD13 1 
ATOM   144 H HD21 . LEU A 1 10 ? 7.17280   -6.05480  3.71333   1.000 18.24444  ? 10  LEU A HD21 1 
ATOM   145 H HD22 . LEU A 1 10 ? 6.10757   -5.61294  2.62084   1.000 18.24444  ? 10  LEU A HD22 1 
ATOM   146 H HD23 . LEU A 1 10 ? 5.99565   -5.06347  4.10713   1.000 18.24444  ? 10  LEU A HD23 1 
ATOM   147 N N    . LEU A 1 11 ? 0.83085   -5.84022  3.92195   1.000 9.25992   ? 11  LEU A N    1 
ATOM   148 C CA   . LEU A 1 11 ? -0.50558  -5.56876  3.40560   1.000 9.43637   ? 11  LEU A CA   1 
ATOM   149 C C    . LEU A 1 11 ? -0.78614  -4.07040  3.39607   1.000 9.25988   ? 11  LEU A C    1 
ATOM   150 O O    . LEU A 1 11 ? -1.19034  -3.51003  2.37329   1.000 9.28621   ? 11  LEU A O    1 
ATOM   151 C CB   . LEU A 1 11 ? -1.55977  -6.30363  4.22744   1.000 9.31886   ? 11  LEU A CB   1 
ATOM   152 C CG   . LEU A 1 11 ? -3.01047  -5.90104  3.95512   1.000 9.83275   ? 11  LEU A CG   1 
ATOM   153 C CD1  . LEU A 1 11 ? -3.41831  -6.23167  2.54688   1.000 11.26740  ? 11  LEU A CD1  1 
ATOM   154 C CD2  . LEU A 1 11 ? -3.90264  -6.59211  4.95858   1.000 11.46239  ? 11  LEU A CD2  1 
ATOM   155 H H    . LEU A 1 11 ? 0.85115   -6.36113  4.60594   1.000 11.11548  ? 11  LEU A H    1 
ATOM   156 H HA   . LEU A 1 11 ? -0.55784  -5.90077  2.49568   1.000 11.32722  ? 11  LEU A HA   1 
ATOM   157 H HB2  . LEU A 1 11 ? -1.48350  -7.25244  4.04077   1.000 11.18621  ? 11  LEU A HB2  1 
ATOM   158 H HB3  . LEU A 1 11 ? -1.38474  -6.13513  5.16652   1.000 11.18621  ? 11  LEU A HB3  1 
ATOM   159 H HG   . LEU A 1 11 ? -3.10790  -4.94056  4.04951   1.000 11.80288  ? 11  LEU A HG   1 
ATOM   160 H HD11 . LEU A 1 11 ? -4.34781  -5.98452  2.42101   1.000 13.52445  ? 11  LEU A HD11 1 
ATOM   161 H HD12 . LEU A 1 11 ? -2.85757  -5.73478  1.93079   1.000 13.52445  ? 11  LEU A HD12 1 
ATOM   162 H HD13 . LEU A 1 11 ? -3.30665  -7.18413  2.40113   1.000 13.52445  ? 11  LEU A HD13 1 
ATOM   163 H HD21 . LEU A 1 11 ? -4.82692  -6.37118  4.76422   1.000 13.75845  ? 11  LEU A HD21 1 
ATOM   164 H HD22 . LEU A 1 11 ? -3.77046  -7.55070  4.89119   1.000 13.75845  ? 11  LEU A HD22 1 
ATOM   165 H HD23 . LEU A 1 11 ? -3.67025  -6.28801  5.84989   1.000 13.75845  ? 11  LEU A HD23 1 
ATOM   166 N N    . VAL A 1 12 ? -0.57177  -3.39671  4.52397   1.000 8.71878   ? 12  VAL A N    1 
ATOM   167 C CA   . VAL A 1 12 ? -1.01354  -2.01223  4.59246   1.000 10.18489  ? 12  VAL A CA   1 
ATOM   168 C C    . VAL A 1 12 ? -0.05790  -1.08135  3.85213   1.000 8.56263   ? 12  VAL A C    1 
ATOM   169 O O    . VAL A 1 12 ? -0.49405  -0.05912  3.31875   1.000 8.85570   ? 12  VAL A O    1 
ATOM   170 C CB   . VAL A 1 12 ? -1.30487  -1.55517  6.02715   1.000 10.15838  ? 12  VAL A CB   1 
ATOM   171 C CG1  . VAL A 1 12 ? -2.37639  -2.42882  6.63937   1.000 12.11012  ? 12  VAL A CG1  1 
ATOM   172 C CG2  . VAL A 1 12 ? -0.04637  -1.54839  6.85541   1.000 11.16384  ? 12  VAL A CG2  1 
ATOM   173 H H    . VAL A 1 12 ? -0.19053  -3.70358  5.23114   1.000 10.46611  ? 12  VAL A H    1 
ATOM   174 H HA   . VAL A 1 12 ? -1.86674  -1.96518  4.13339   1.000 12.22544  ? 12  VAL A HA   1 
ATOM   175 H HB   . VAL A 1 12 ? -1.63663  -0.64377  6.01380   1.000 12.19363  ? 12  VAL A HB   1 
ATOM   176 H HG11 . VAL A 1 12 ? -2.65711  -2.04016  7.48260   1.000 14.53572  ? 12  VAL A HG11 1 
ATOM   177 H HG12 . VAL A 1 12 ? -3.12995  -2.47778  6.03056   1.000 14.53572  ? 12  VAL A HG12 1 
ATOM   178 H HG13 . VAL A 1 12 ? -2.01349  -3.31592  6.78855   1.000 14.53572  ? 12  VAL A HG13 1 
ATOM   179 H HG21 . VAL A 1 12 ? -0.27232  -1.32275  7.77134   1.000 13.40018  ? 12  VAL A HG21 1 
ATOM   180 H HG22 . VAL A 1 12 ? 0.35845   -2.42925  6.82197   1.000 13.40018  ? 12  VAL A HG22 1 
ATOM   181 H HG23 . VAL A 1 12 ? 0.56615   -0.88891  6.49375   1.000 13.40018  ? 12  VAL A HG23 1 
ATOM   182 N N    . LEU A 1 13 ? 1.23330   -1.41669  3.75104   1.000 9.19976   ? 13  LEU A N    1 
ATOM   183 C CA   . LEU A 1 13 ? 2.12763   -0.58822  2.94419   1.000 9.14979   ? 13  LEU A CA   1 
ATOM   184 C C    . LEU A 1 13 ? 1.80866   -0.73571  1.45888   1.000 9.94173   ? 13  LEU A C    1 
ATOM   185 O O    . LEU A 1 13 ? 1.81892   0.24903   0.71001   1.000 10.13027  ? 13  LEU A O    1 
ATOM   186 C CB   . LEU A 1 13 ? 3.58298   -0.92685  3.24555   1.000 9.55390   ? 13  LEU A CB   1 
ATOM   187 C CG   . LEU A 1 13 ? 4.06045   -0.51569  4.63663   1.000 9.23464   ? 13  LEU A CG   1 
ATOM   188 C CD1  . LEU A 1 13 ? 5.49333   -0.99799  4.81889   1.000 11.79471  ? 13  LEU A CD1  1 
ATOM   189 C CD2  . LEU A 1 13 ? 3.94650   1.00065   4.87176   1.000 11.15114  ? 13  LEU A CD2  1 
ATOM   190 H H    . LEU A 1 13 ? 1.60420   -2.09560  4.12670   1.000 11.04328  ? 13  LEU A H    1 
ATOM   191 H HA   . LEU A 1 13 ? 2.00236   0.34390   3.18162   1.000 10.98333  ? 13  LEU A HA   1 
ATOM   192 H HB2  . LEU A 1 13 ? 3.69723   -1.88706  3.16900   1.000 11.46825  ? 13  LEU A HB2  1 
ATOM   193 H HB3  . LEU A 1 13 ? 4.14451   -0.47325  2.59761   1.000 11.46825  ? 13  LEU A HB3  1 
ATOM   194 H HG   . LEU A 1 13 ? 3.49085   -0.92584  5.30614   1.000 11.08514  ? 13  LEU A HG   1 
ATOM   195 H HD11 . LEU A 1 13 ? 5.81271   -0.71685  5.69058   1.000 14.15722  ? 13  LEU A HD11 1 
ATOM   196 H HD12 . LEU A 1 13 ? 5.51114   -1.96581  4.75642   1.000 14.15722  ? 13  LEU A HD12 1 
ATOM   197 H HD13 . LEU A 1 13 ? 6.04760   -0.61135  4.12304   1.000 14.15722  ? 13  LEU A HD13 1 
ATOM   198 H HD21 . LEU A 1 13 ? 4.42215   1.23071   5.68523   1.000 13.38494  ? 13  LEU A HD21 1 
ATOM   199 H HD22 . LEU A 1 13 ? 4.33739   1.46756   4.11672   1.000 13.38494  ? 13  LEU A HD22 1 
ATOM   200 H HD23 . LEU A 1 13 ? 3.00978   1.23732   4.95812   1.000 13.38494  ? 13  LEU A HD23 1 
ATOM   201 N N    . THR A 1 14 ? 1.47775   -1.94479  1.01168   1.000 9.59748   ? 14  THR A N    1 
ATOM   202 C CA   . THR A 1 14 ? 1.10389   -2.10808  -0.38522  1.000 10.36377  ? 14  THR A CA   1 
ATOM   203 C C    . THR A 1 14 ? -0.20505  -1.37894  -0.67168  1.000 9.67727   ? 14  THR A C    1 
ATOM   204 O O    . THR A 1 14 ? -0.34801  -0.73634  -1.71557  1.000 10.66563  ? 14  THR A O    1 
ATOM   205 C CB   . THR A 1 14 ? 1.00778   -3.58642  -0.75949  1.000 9.95861   ? 14  THR A CB   1 
ATOM   206 O OG1  . THR A 1 14 ? 2.21925   -4.26475  -0.40454  1.000 10.20525  ? 14  THR A OG1  1 
ATOM   207 C CG2  . THR A 1 14 ? 0.82716   -3.74006  -2.25150  1.000 11.05533  ? 14  THR A CG2  1 
ATOM   208 H H    . THR A 1 14 ? 1.46199   -2.66495  1.48149   1.000 11.52055  ? 14  THR A H    1 
ATOM   209 H HA   . THR A 1 14 ? 1.79897   -1.72721  -0.94442  1.000 12.44010  ? 14  THR A HA   1 
ATOM   210 H HB   . THR A 1 14 ? 0.25273   -3.97538  -0.29097  1.000 11.95390  ? 14  THR A HB   1 
ATOM   211 H HG1  . THR A 1 14 ? 2.35412   -4.19839  0.42189   1.000 12.24987  ? 14  THR A HG1  1 
ATOM   212 H HG21 . THR A 1 14 ? 0.87378   -4.67744  -2.49653  1.000 13.26997  ? 14  THR A HG21 1 
ATOM   213 H HG22 . THR A 1 14 ? -0.03580  -3.38723  -2.51928  1.000 13.26997  ? 14  THR A HG22 1 
ATOM   214 H HG23 . THR A 1 14 ? 1.52450   -3.25674  -2.72161  1.000 13.26997  ? 14  THR A HG23 1 
ATOM   215 N N    . LEU A 1 15 ? -1.16948  -1.46026  0.24837   1.000 9.31862   ? 15  LEU A N    1 
ATOM   216 C CA   . LEU A 1 15 ? -2.39374  -0.68458  0.09754   1.000 9.69837   ? 15  LEU A CA   1 
ATOM   217 C C    . LEU A 1 15 ? -2.10442  0.80963   0.00770   1.000 10.05377  ? 15  LEU A C    1 
ATOM   218 O O    . LEU A 1 15 ? -2.75821  1.52072   -0.75857  1.000 11.37307  ? 15  LEU A O    1 
ATOM   219 C CB   . LEU A 1 15 ? -3.34827  -0.98453  1.25006   1.000 11.03775  ? 15  LEU A CB   1 
ATOM   220 C CG   . LEU A 1 15 ? -4.08478  -2.32246  1.16028   1.000 11.20038  ? 15  LEU A CG   1 
ATOM   221 C CD1  . LEU A 1 15 ? -4.80387  -2.58857  2.47699   1.000 11.96770  ? 15  LEU A CD1  1 
ATOM   222 C CD2  . LEU A 1 15 ? -5.06276  -2.38244  -0.00223  1.000 12.31256  ? 15  LEU A CD2  1 
ATOM   223 H H    . LEU A 1 15 ? -1.13963  -1.94827  0.95587   1.000 11.18592  ? 15  LEU A H    1 
ATOM   224 H HA   . LEU A 1 15 ? -2.82849  -0.94877  -0.72836  1.000 11.64162  ? 15  LEU A HA   1 
ATOM   225 H HB2  . LEU A 1 15 ? -2.83807  -0.98930  2.07503   1.000 13.24887  ? 15  LEU A HB2  1 
ATOM   226 H HB3  . LEU A 1 15 ? -4.01993  -0.28532  1.27942   1.000 13.24887  ? 15  LEU A HB3  1 
ATOM   227 H HG   . LEU A 1 15 ? -3.43029  -3.01905  0.99501   1.000 13.44403  ? 15  LEU A HG   1 
ATOM   228 H HD11 . LEU A 1 15 ? -5.27862  -3.43201  2.41269   1.000 14.36481  ? 15  LEU A HD11 1 
ATOM   229 H HD12 . LEU A 1 15 ? -4.14912  -2.63115  3.19140   1.000 14.36481  ? 15  LEU A HD12 1 
ATOM   230 H HD13 . LEU A 1 15 ? -5.43099  -1.86801  2.64557   1.000 14.36481  ? 15  LEU A HD13 1 
ATOM   231 H HD21 . LEU A 1 15 ? -5.53091  -3.23163  0.02241   1.000 14.77865  ? 15  LEU A HD21 1 
ATOM   232 H HD22 . LEU A 1 15 ? -5.69657  -1.65281  0.08032   1.000 14.77865  ? 15  LEU A HD22 1 
ATOM   233 H HD23 . LEU A 1 15 ? -4.57023  -2.30026  -0.83383  1.000 14.77865  ? 15  LEU A HD23 1 
ATOM   234 N N    . ALA A 1 16 ? -1.13560  1.31596   0.77408   1.000 9.22322   ? 16  ALA A N    1 
ATOM   235 C CA   . ALA A 1 16 ? -0.80630  2.73427   0.67809   1.000 10.16959  ? 16  ALA A CA   1 
ATOM   236 C C    . ALA A 1 16 ? -0.35734  3.08710   -0.73220  1.000 10.04417  ? 16  ALA A C    1 
ATOM   237 O O    . ALA A 1 16 ? -0.78214  4.10289   -1.29563  1.000 10.36571  ? 16  ALA A O    1 
ATOM   238 C CB   . ALA A 1 16 ? 0.27903   3.09615   1.69074   1.000 10.68225  ? 16  ALA A CB   1 
ATOM   239 H H    . ALA A 1 16 ? -0.66650  0.87234   1.34218   1.000 11.07143  ? 16  ALA A H    1 
ATOM   240 H HA   . ALA A 1 16 ? -1.59543  3.25663   0.89092   1.000 12.20709  ? 16  ALA A HA   1 
ATOM   241 H HB1  . ALA A 1 16 ? 0.27900   4.05696   1.82388   1.000 12.82227  ? 16  ALA A HB1  1 
ATOM   242 H HB2  . ALA A 1 16 ? 0.09134   2.64601   2.52923   1.000 12.82227  ? 16  ALA A HB2  1 
ATOM   243 H HB3  . ALA A 1 16 ? 1.13973   2.80986   1.34705   1.000 12.82227  ? 16  ALA A HB3  1 
ATOM   244 N N    A LEU A 1 17 ? 0.50476   2.25811   -1.32223  0.518 11.05959  ? 17  LEU A N    1 
ATOM   245 N N    B LEU A 1 17 ? 0.48234   2.24848   -1.33401  0.482 9.53563   ? 17  LEU A N    1 
ATOM   246 C CA   A LEU A 1 17 ? 0.97375   2.52069   -2.67759  0.518 12.73228  ? 17  LEU A CA   1 
ATOM   247 C CA   B LEU A 1 17 ? 0.97300   2.54134   -2.67500  0.482 10.31435  ? 17  LEU A CA   1 
ATOM   248 C C    A LEU A 1 17 ? -0.17654  2.46238   -3.67119  0.518 13.12227  ? 17  LEU A C    1 
ATOM   249 C C    B LEU A 1 17 ? -0.13345  2.41384   -3.71289  0.482 10.69517  ? 17  LEU A C    1 
ATOM   250 O O    A LEU A 1 17 ? -0.26169  3.29426   -4.58012  0.518 14.01999  ? 17  LEU A O    1 
ATOM   251 O O    B LEU A 1 17 ? -0.14493  3.16549   -4.69128  0.482 11.06769  ? 17  LEU A O    1 
ATOM   252 C CB   A LEU A 1 17 ? 2.06643   1.52370   -3.06089  0.518 14.81397  ? 17  LEU A CB   1 
ATOM   253 C CB   B LEU A 1 17 ? 2.16228   1.64027   -3.00083  0.482 12.41648  ? 17  LEU A CB   1 
ATOM   254 C CG   A LEU A 1 17 ? 3.51260   1.92993   -2.76812  0.518 16.22313  ? 17  LEU A CG   1 
ATOM   255 C CG   B LEU A 1 17 ? 3.40631   1.89484   -2.14409  0.482 13.48433  ? 17  LEU A CG   1 
ATOM   256 C CD1  A LEU A 1 17 ? 3.93942   3.11134   -3.62847  0.518 17.46336  ? 17  LEU A CD1  1 
ATOM   257 C CD1  B LEU A 1 17 ? 4.38854   0.74369   -2.28471  0.482 15.06824  ? 17  LEU A CD1  1 
ATOM   258 C CD2  A LEU A 1 17 ? 3.69509   2.24801   -1.29246  0.518 17.00295  ? 17  LEU A CD2  1 
ATOM   259 C CD2  B LEU A 1 17 ? 4.07538   3.21579   -2.51139  0.482 13.45832  ? 17  LEU A CD2  1 
ATOM   260 H H    A LEU A 1 17 ? 0.82937   1.54630   -0.96507  0.518 13.27508  ? 17  LEU A H    1 
ATOM   261 H H    B LEU A 1 17 ? 0.77913   1.51578   -0.99539  0.482 11.44633  ? 17  LEU A H    1 
ATOM   262 H HA   A LEU A 1 17 ? 1.35922   3.41021   -2.71012  0.518 15.28231  ? 17  LEU A HA   1 
ATOM   263 H HA   B LEU A 1 17 ? 1.29177   3.45675   -2.71113  0.482 12.38080  ? 17  LEU A HA   1 
ATOM   264 H HB2  A LEU A 1 17 ? 1.90096   0.69925   -2.57736  0.518 17.78034  ? 17  LEU A HB2  1 
ATOM   265 H HB2  B LEU A 1 17 ? 1.89610   0.71747   -2.86494  0.482 14.90335  ? 17  LEU A HB2  1 
ATOM   266 H HB3  A LEU A 1 17 ? 2.00485   1.36621   -4.01603  0.518 17.78034  ? 17  LEU A HB3  1 
ATOM   267 H HB3  B LEU A 1 17 ? 2.41055   1.78085   -3.92792  0.482 14.90335  ? 17  LEU A HB3  1 
ATOM   268 H HG   A LEU A 1 17 ? 4.09020   1.18269   -2.98924  0.518 19.47133  ? 17  LEU A HG   1 
ATOM   269 H HG   B LEU A 1 17 ? 3.13293   1.95633   -1.21545  0.482 16.18476  ? 17  LEU A HG   1 
ATOM   270 H HD11 A LEU A 1 17 ? 4.89065   3.26036   -3.51078  0.518 20.95961  ? 17  LEU A HD11 1 
ATOM   271 H HD11 B LEU A 1 17 ? 5.17092   0.92800   -1.74173  0.482 18.08547  ? 17  LEU A HD11 1 
ATOM   272 H HD12 A LEU A 1 17 ? 3.74861   2.91032   -4.55803  0.518 20.95961  ? 17  LEU A HD12 1 
ATOM   273 H HD12 B LEU A 1 17 ? 3.96210   -0.07387  -1.98366  0.482 18.08547  ? 17  LEU A HD12 1 
ATOM   274 H HD13 A LEU A 1 17 ? 3.44458   3.89848   -3.35196  0.518 20.95961  ? 17  LEU A HD13 1 
ATOM   275 H HD13 B LEU A 1 17 ? 4.64493   0.65934   -3.21640  0.482 18.08547  ? 17  LEU A HD13 1 
ATOM   276 H HD21 A LEU A 1 17 ? 4.62975   2.44647   -1.12542  0.518 20.40712  ? 17  LEU A HD21 1 
ATOM   277 H HD21 B LEU A 1 17 ? 4.89956   3.30320   -2.00743  0.482 16.15356  ? 17  LEU A HD21 1 
ATOM   278 H HD22 A LEU A 1 17 ? 3.14806   3.01608   -1.06496  0.518 20.40712  ? 17  LEU A HD22 1 
ATOM   279 H HD22 B LEU A 1 17 ? 4.26715   3.21899   -3.46224  0.482 16.15356  ? 17  LEU A HD22 1 
ATOM   280 H HD23 A LEU A 1 17 ? 3.42113   1.47968   -0.76756  0.518 20.40712  ? 17  LEU A HD23 1 
ATOM   281 H HD23 B LEU A 1 17 ? 3.47490   3.94549   -2.29261  0.482 16.15356  ? 17  LEU A HD23 1 
ATOM   282 N N    . VAL A 1 18 ? -1.07258  1.48671   -3.51241  1.000 12.61687  ? 18  VAL A N    1 
ATOM   283 C CA   . VAL A 1 18 ? -2.23349  1.39177   -4.39490  1.000 15.08170  ? 18  VAL A CA   1 
ATOM   284 C C    . VAL A 1 18 ? -3.07949  2.65902   -4.31007  1.000 12.39906  ? 18  VAL A C    1 
ATOM   285 O O    . VAL A 1 18 ? -3.55069  3.18411   -5.32844  1.000 13.32458  ? 18  VAL A O    1 
ATOM   286 C CB   . VAL A 1 18 ? -3.05306  0.13520   -4.04188  1.000 19.58268  ? 18  VAL A CB   1 
ATOM   287 C CG1  . VAL A 1 18 ? -4.44945  0.20812   -4.64546  1.000 22.33830  ? 18  VAL A CG1  1 
ATOM   288 C CG2  . VAL A 1 18 ? -2.32504  -1.12404  -4.48772  1.000 21.05769  ? 18  VAL A CG2  1 
ATOM   289 H HA   . VAL A 1 18 ? -1.92410  1.30857   -5.31046  1.000 18.10162  ? 18  VAL A HA   1 
ATOM   290 H HB   . VAL A 1 18 ? -3.15475  0.09221   -3.07819  1.000 23.50279  ? 18  VAL A HB   1 
ATOM   291 H HG11 . VAL A 1 18 ? -4.74060  -0.68772  -4.87697  1.000 26.80953  ? 18  VAL A HG11 1 
ATOM   292 H HG12 . VAL A 1 18 ? -5.05526  0.59482   -3.99403  1.000 26.80953  ? 18  VAL A HG12 1 
ATOM   293 H HG13 . VAL A 1 18 ? -4.42114  0.76262   -5.44084  1.000 26.80953  ? 18  VAL A HG13 1 
ATOM   294 H HG21 . VAL A 1 18 ? -2.83671  -1.89981  -4.20977  1.000 25.27281  ? 18  VAL A HG21 1 
ATOM   295 H HG22 . VAL A 1 18 ? -2.23862  -1.11358  -5.45380  1.000 25.27281  ? 18  VAL A HG22 1 
ATOM   296 H HG23 . VAL A 1 18 ? -1.44638  -1.14293  -4.07722  1.000 25.27281  ? 18  VAL A HG23 1 
ATOM   297 N N    . PHE A 1 19 ? -3.29235  3.16490   -3.09638  1.000 12.21350  ? 19  PHE A N    1 
ATOM   298 C CA   . PHE A 1 19 ? -4.05101  4.39859   -2.93288  1.000 13.17904  ? 19  PHE A CA   1 
ATOM   299 C C    . PHE A 1 19 ? -3.34952  5.56657   -3.61831  1.000 12.14218  ? 19  PHE A C    1 
ATOM   300 O O    . PHE A 1 19 ? -3.99811  6.40337   -4.25534  1.000 12.65274  ? 19  PHE A O    1 
ATOM   301 C CB   . PHE A 1 19 ? -4.26181  4.66754   -1.44222  1.000 15.45001  ? 19  PHE A CB   1 
ATOM   302 C CG   . PHE A 1 19 ? -5.48693  4.00955   -0.87132  1.000 18.81818  ? 19  PHE A CG   1 
ATOM   303 C CD1  . PHE A 1 19 ? -5.60919  2.63059   -0.83091  1.000 19.09228  ? 19  PHE A CD1  1 
ATOM   304 C CD2  . PHE A 1 19 ? -6.50912  4.77514   -0.35341  1.000 21.55864  ? 19  PHE A CD2  1 
ATOM   305 C CE1  . PHE A 1 19 ? -6.74115  2.03508   -0.29589  1.000 21.61991  ? 19  PHE A CE1  1 
ATOM   306 C CE2  . PHE A 1 19 ? -7.63605  4.18597   0.18173   1.000 23.21493  ? 19  PHE A CE2  1 
ATOM   307 C CZ   . PHE A 1 19 ? -7.75147  2.81885   0.20679   1.000 22.71817  ? 19  PHE A CZ   1 
ATOM   308 H H    . PHE A 1 19 ? -3.01256  2.81883   -2.36048  1.000 14.65977  ? 19  PHE A H    1 
ATOM   309 H HA   . PHE A 1 19 ? -4.92418  4.30518   -3.34488  1.000 15.81842  ? 19  PHE A HA   1 
ATOM   310 H HB2  . PHE A 1 19 ? -3.49281  4.33408   -0.95400  1.000 18.54359  ? 19  PHE A HB2  1 
ATOM   311 H HB3  . PHE A 1 19 ? -4.35065  5.62411   -1.30806  1.000 18.54359  ? 19  PHE A HB3  1 
ATOM   312 H HD1  . PHE A 1 19 ? -4.92442  2.09819   -1.16637  1.000 22.91430  ? 19  PHE A HD1  1 
ATOM   313 H HD2  . PHE A 1 19 ? -6.43827  5.70237   -0.36482  1.000 25.87394  ? 19  PHE A HD2  1 
ATOM   314 H HE1  . PHE A 1 19 ? -6.81631  1.10831   -0.27732  1.000 25.94747  ? 19  PHE A HE1  1 
ATOM   315 H HE2  . PHE A 1 19 ? -8.31831  4.71604   0.52591   1.000 27.86149  ? 19  PHE A HE2  1 
ATOM   316 H HZ   . PHE A 1 19 ? -8.51342  2.42289   0.56395   1.000 27.26537  ? 19  PHE A HZ   1 
ATOM   317 N N    . LEU A 1 20 ? -2.02080  5.63686   -3.51235  1.000 11.85086  ? 20  LEU A N    1 
ATOM   318 C CA   . LEU A 1 20 ? -1.27632  6.66146   -4.23695  1.000 12.23930  ? 20  LEU A CA   1 
ATOM   319 C C    . LEU A 1 20 ? -1.46353  6.51176   -5.74598  1.000 11.57898  ? 20  LEU A C    1 
ATOM   320 O O    . LEU A 1 20 ? -1.60615  7.50864   -6.46393  1.000 12.68409  ? 20  LEU A O    1 
ATOM   321 C CB   . LEU A 1 20 ? 0.21194   6.58608   -3.88130  1.000 13.05616  ? 20  LEU A CB   1 
ATOM   322 C CG   . LEU A 1 20 ? 0.64514   6.97600   -2.46667  1.000 16.09020  ? 20  LEU A CG   1 
ATOM   323 C CD1  . LEU A 1 20 ? 2.14820   6.83757   -2.29168  1.000 17.33718  ? 20  LEU A CD1  1 
ATOM   324 C CD2  . LEU A 1 20 ? 0.22841   8.38693   -2.16615  1.000 18.97904  ? 20  LEU A CD2  1 
ATOM   325 H H    . LEU A 1 20 ? -1.53396  5.11220   -3.03556  1.000 14.22461  ? 20  LEU A H    1 
ATOM   326 H HA   . LEU A 1 20 ? -1.60798  7.53296   -3.96974  1.000 14.69074  ? 20  LEU A HA   1 
ATOM   327 H HB2  . LEU A 1 20 ? 0.49862   5.66914   -4.01522  1.000 15.67097  ? 20  LEU A HB2  1 
ATOM   328 H HB3  . LEU A 1 20 ? 0.68788   7.17446   -4.48808  1.000 15.67097  ? 20  LEU A HB3  1 
ATOM   329 H HG   . LEU A 1 20 ? 0.21316   6.37605   -1.83868  1.000 19.31182  ? 20  LEU A HG   1 
ATOM   330 H HD11 . LEU A 1 20 ? 2.39805   7.18453   -1.42100  1.000 20.80819  ? 20  LEU A HD11 1 
ATOM   331 H HD12 . LEU A 1 20 ? 2.38855   5.89999   -2.35554  1.000 20.80819  ? 20  LEU A HD12 1 
ATOM   332 H HD13 . LEU A 1 20 ? 2.59513   7.34187   -2.98941  1.000 20.80819  ? 20  LEU A HD13 1 
ATOM   333 H HD21 . LEU A 1 20 ? 0.69027   8.68958   -1.36865  1.000 22.77842  ? 20  LEU A HD21 1 
ATOM   334 H HD22 . LEU A 1 20 ? 0.46252   8.95244   -2.91867  1.000 22.77842  ? 20  LEU A HD22 1 
ATOM   335 H HD23 . LEU A 1 20 ? -0.73049  8.40900   -2.02151  1.000 22.77842  ? 20  LEU A HD23 1 
ATOM   336 N N    . LEU A 1 21 ? -1.43779  5.27263   -6.25402  1.000 11.80837  ? 21  LEU A N    1 
ATOM   337 C CA   . LEU A 1 21 ? -1.65406  5.05288   -7.68116  1.000 12.48780  ? 21  LEU A CA   1 
ATOM   338 C C    . LEU A 1 21 ? -3.01843  5.57233   -8.10824  1.000 11.09940  ? 21  LEU A C    1 
ATOM   339 O O    . LEU A 1 21 ? -3.15976  6.15490   -9.18727  1.000 12.95051  ? 21  LEU A O    1 
ATOM   340 C CB   . LEU A 1 21 ? -1.54667  3.56429   -8.00771  1.000 14.18218  ? 21  LEU A CB   1 
ATOM   341 C CG   . LEU A 1 21 ? -0.14689  2.96612   -8.10037  1.000 15.18226  ? 21  LEU A CG   1 
ATOM   342 C CD1  . LEU A 1 21 ? -0.22401  1.44327   -8.03605  1.000 16.52261  ? 21  LEU A CD1  1 
ATOM   343 C CD2  . LEU A 1 21 ? 0.54111   3.42256   -9.38051  1.000 16.10164  ? 21  LEU A CD2  1 
ATOM   344 H H    . LEU A 1 21 ? -1.29938  4.55519   -5.80046  1.000 14.17361  ? 21  LEU A H    1 
ATOM   345 H HA   . LEU A 1 21 ? -0.96694  5.52665   -8.17545  1.000 14.98894  ? 21  LEU A HA   1 
ATOM   346 H HB2  . LEU A 1 21 ? -2.01696  3.07371   -7.31557  1.000 17.02219  ? 21  LEU A HB2  1 
ATOM   347 H HB3  . LEU A 1 21 ? -1.97288  3.41712   -8.86655  1.000 17.02219  ? 21  LEU A HB3  1 
ATOM   348 H HG   . LEU A 1 21 ? 0.38778   3.27302   -7.35149  1.000 18.22228  ? 21  LEU A HG   1 
ATOM   349 H HD11 . LEU A 1 21 ? 0.67035   1.07784   -8.12251  1.000 19.83071  ? 21  LEU A HD11 1 
ATOM   350 H HD12 . LEU A 1 21 ? -0.60707  1.18217   -7.18400  1.000 19.83071  ? 21  LEU A HD12 1 
ATOM   351 H HD13 . LEU A 1 21 ? -0.78318  1.12445   -8.76170  1.000 19.83071  ? 21  LEU A HD13 1 
ATOM   352 H HD21 . LEU A 1 21 ? 1.42165   3.01836   -9.42718  1.000 19.32554  ? 21  LEU A HD21 1 
ATOM   353 H HD22 . LEU A 1 21 ? 0.00851   3.14401   -10.14185 1.000 19.32554  ? 21  LEU A HD22 1 
ATOM   354 H HD23 . LEU A 1 21 ? 0.62108   4.38918   -9.36866  1.000 19.32554  ? 21  LEU A HD23 1 
ATOM   355 N N    . TYR A 1 22 ? -4.03682  5.34617   -7.28423  1.000 12.93771  ? 22  TYR A N    1 
ATOM   356 C CA   . TYR A 1 22 ? -5.37081  5.84417   -7.59120  1.000 14.35568  ? 22  TYR A CA   1 
ATOM   357 C C    . TYR A 1 22 ? -5.35082  7.35648   -7.74661  1.000 13.76898  ? 22  TYR A C    1 
ATOM   358 O O    . TYR A 1 22 ? -5.88911  7.90915   -8.71013  1.000 14.02389  ? 22  TYR A O    1 
ATOM   359 C CB   . TYR A 1 22 ? -6.31355  5.42248   -6.46389  1.000 16.73717  ? 22  TYR A CB   1 
ATOM   360 C CG   . TYR A 1 22 ? -7.71797  5.96129   -6.56158  1.000 21.59690  ? 22  TYR A CG   1 
ATOM   361 C CD1  . TYR A 1 22 ? -8.64109  5.39661   -7.42573  1.000 26.17010  ? 22  TYR A CD1  1 
ATOM   362 C CD2  . TYR A 1 22 ? -8.12970  7.02675   -5.77209  1.000 26.93213  ? 22  TYR A CD2  1 
ATOM   363 C CE1  . TYR A 1 22 ? -9.93503  5.88826   -7.51111  1.000 29.66164  ? 22  TYR A CE1  1 
ATOM   364 C CE2  . TYR A 1 22 ? -9.41870  7.52459   -5.85064  1.000 30.62983  ? 22  TYR A CE2  1 
ATOM   365 C CZ   . TYR A 1 22 ? -10.31620 6.95007   -6.71940  1.000 32.57673  ? 22  TYR A CZ   1 
ATOM   366 O OH   . TYR A 1 22 ? -11.59881 7.44777   -6.79416  1.000 37.15713  ? 22  TYR A OH   1 
ATOM   367 H H    . TYR A 1 22 ? -3.98412  4.90992   -6.54496  1.000 15.52883  ? 22  TYR A H    1 
ATOM   368 H HA   . TYR A 1 22 ? -5.69030  5.46508   -8.42494  1.000 17.23039  ? 22  TYR A HA   1 
ATOM   369 H HB2  . TYR A 1 22 ? -6.37458  4.45440   -6.46250  1.000 20.08817  ? 22  TYR A HB2  1 
ATOM   370 H HB3  . TYR A 1 22 ? -5.94256  5.73271   -5.62304  1.000 20.08817  ? 22  TYR A HB3  1 
ATOM   371 H HD1  . TYR A 1 22 ? -8.38931  4.67622   -7.95726  1.000 31.40769  ? 22  TYR A HD1  1 
ATOM   372 H HD2  . TYR A 1 22 ? -7.52721  7.41363   -5.17861  1.000 32.32213  ? 22  TYR A HD2  1 
ATOM   373 H HE1  . TYR A 1 22 ? -10.54298 5.50308   -8.10012  1.000 35.59754  ? 22  TYR A HE1  1 
ATOM   374 H HE2  . TYR A 1 22 ? -9.67611  8.24308   -5.31921  1.000 36.75937  ? 22  TYR A HE2  1 
ATOM   375 H HH   . TYR A 1 22 ? -11.69645 8.07428   -6.24320  1.000 44.59212  ? 22  TYR A HH   1 
ATOM   376 N N    . LYS A 1 23 ? -4.71568  8.04442   -6.80679  1.000 13.25112  ? 23  LYS A N    1 
ATOM   377 C CA   . LYS A 1 23 ? -4.67765  9.50048   -6.85378  1.000 14.18319  ? 23  LYS A CA   1 
ATOM   378 C C    . LYS A 1 23 ? -3.84213  10.00308  -8.02120  1.000 13.71553  ? 23  LYS A C    1 
ATOM   379 O O    . LYS A 1 23 ? -4.19984  10.99673  -8.66279  1.000 15.15008  ? 23  LYS A O    1 
ATOM   380 C CB   . LYS A 1 23 ? -4.14052  10.04237  -5.53179  1.000 17.55214  ? 23  LYS A CB   1 
ATOM   381 C CG   . LYS A 1 23 ? -5.19243  10.14942  -4.44647  1.000 29.27956  ? 23  LYS A CG   1 
ATOM   382 H H    . LYS A 1 23 ? -4.30182  7.69941   -6.13649  1.000 15.90492  ? 23  LYS A H    1 
ATOM   383 H HA   . LYS A 1 23 ? -5.58029  9.83376   -6.97659  1.000 17.02340  ? 23  LYS A HA   1 
ATOM   384 H HB2  . LYS A 1 23 ? -3.44316  9.44908   -5.21147  1.000 21.06614  ? 23  LYS A HB2  1 
ATOM   385 H HB3  . LYS A 1 23 ? -3.77816  10.92949  -5.68218  1.000 21.06614  ? 23  LYS A HB3  1 
ATOM   386 H HG2  . LYS A 1 23 ? -5.06489  9.42781   -3.81157  1.000 35.13904  ? 23  LYS A HG2  1 
ATOM   387 H HG3  . LYS A 1 23 ? -5.09939  11.00596  -4.00111  1.000 35.13904  ? 23  LYS A HG3  1 
ATOM   388 N N    . LEU A 1 24 ? -2.71578  9.35427   -8.30029  1.000 13.50095  ? 24  LEU A N    1 
ATOM   389 C CA   . LEU A 1 24 ? -1.90023  9.77750   -9.43134  1.000 13.73495  ? 24  LEU A CA   1 
ATOM   390 C C    . LEU A 1 24 ? -2.67694  9.63534   -10.73172 1.000 13.49861  ? 24  LEU A C    1 
ATOM   391 O O    . LEU A 1 24 ? -2.64880  10.52707  -11.59126 1.000 14.66795  ? 24  LEU A O    1 
ATOM   392 C CB   . LEU A 1 24 ? -0.62089  8.94590   -9.47455  1.000 16.03583  ? 24  LEU A CB   1 
ATOM   393 C CG   . LEU A 1 24 ? 0.36154   9.24324   -10.60471 1.000 17.11075  ? 24  LEU A CG   1 
ATOM   394 C CD1  . LEU A 1 24 ? 0.83460   10.67266  -10.52068 1.000 17.55146  ? 24  LEU A CD1  1 
ATOM   395 C CD2  . LEU A 1 24 ? 1.55052   8.29785   -10.54672 1.000 17.87203  ? 24  LEU A CD2  1 
ATOM   396 H H    . LEU A 1 24 ? -2.40678  8.68171   -7.86237  1.000 16.20471  ? 24  LEU A H    1 
ATOM   397 H HA   . LEU A 1 24 ? -1.65221  10.70930  -9.32579  1.000 16.48551  ? 24  LEU A HA   1 
ATOM   398 H HB2  . LEU A 1 24 ? -0.14475  9.08734   -8.64137  1.000 19.24657  ? 24  LEU A HB2  1 
ATOM   399 H HB3  . LEU A 1 24 ? -0.87393  8.01320   -9.55785  1.000 19.24657  ? 24  LEU A HB3  1 
ATOM   400 H HG   . LEU A 1 24 ? -0.08836  9.11282   -11.45411 1.000 20.53648  ? 24  LEU A HG   1 
ATOM   401 H HD11 . LEU A 1 24 ? 1.54007   10.81064  -11.17197 1.000 21.06533  ? 24  LEU A HD11 1 
ATOM   402 H HD12 . LEU A 1 24 ? 0.08917   11.26367  -10.71027 1.000 21.06533  ? 24  LEU A HD12 1 
ATOM   403 H HD13 . LEU A 1 24 ? 1.17176   10.84170  -9.62701  1.000 21.06533  ? 24  LEU A HD13 1 
ATOM   404 H HD21 . LEU A 1 24 ? 2.15663   8.50771   -11.27438 1.000 21.45001  ? 24  LEU A HD21 1 
ATOM   405 H HD22 . LEU A 1 24 ? 2.00295   8.41124   -9.69623  1.000 21.45001  ? 24  LEU A HD22 1 
ATOM   406 H HD23 . LEU A 1 24 ? 1.23300   7.38541   -10.63342 1.000 21.45001  ? 24  LEU A HD23 1 
ATOM   407 N N    . MET A 1 25 ? -3.38763  8.52042   -10.88609 1.000 13.91760  ? 25  MET A N    1 
ATOM   408 C CA   . MET A 1 25 ? -4.22103  8.30735   -12.06239 1.000 15.70743  ? 25  MET A CA   1 
ATOM   409 C C    . MET A 1 25 ? -5.23255  9.43207   -12.22987 1.000 16.58963  ? 25  MET A C    1 
ATOM   410 O O    . MET A 1 25 ? -5.43715  9.93997   -13.34026 1.000 17.71598  ? 25  MET A O    1 
ATOM   411 C CB   . MET A 1 25 ? -4.92474  6.96554   -11.87540 1.000 19.01333  ? 25  MET A CB   1 
ATOM   412 C CG   . MET A 1 25 ? -5.82273  6.50856   -12.99064 1.000 24.16748  ? 25  MET A CG   1 
ATOM   413 S SD   . MET A 1 25 ? -6.75464  5.04905   -12.47458 1.000 27.54670  ? 25  MET A SD   1 
ATOM   414 C CE   . MET A 1 25 ? -5.43267  4.01418   -11.85653 1.000 28.17318  ? 25  MET A CE   1 
ATOM   415 H H    . MET A 1 25 ? -3.40591  7.86959   -10.32425 1.000 16.70470  ? 25  MET A H    1 
ATOM   416 H HA   . MET A 1 25 ? -3.67853  8.28106   -12.86607 1.000 18.85249  ? 25  MET A HA   1 
ATOM   417 H HB2  . MET A 1 25 ? -4.24434  6.28345   -11.76263 1.000 22.81957  ? 25  MET A HB2  1 
ATOM   418 H HB3  . MET A 1 25 ? -5.47239  7.02306   -11.07686 1.000 22.81957  ? 25  MET A HB3  1 
ATOM   419 H HG2  . MET A 1 25 ? -6.44877  7.21439   -13.21599 1.000 29.00455  ? 25  MET A HG2  1 
ATOM   420 H HG3  . MET A 1 25 ? -5.28842  6.27871   -13.76689 1.000 29.00455  ? 25  MET A HG3  1 
ATOM   421 H HE1  . MET A 1 25 ? -5.75700  3.10384   -11.77295 1.000 33.81139  ? 25  MET A HE1  1 
ATOM   422 H HE2  . MET A 1 25 ? -4.68997  4.04481   -12.47971 1.000 33.81139  ? 25  MET A HE2  1 
ATOM   423 H HE3  . MET A 1 25 ? -5.15096  4.34585   -10.98962 1.000 33.81139  ? 25  MET A HE3  1 
ATOM   424 N N    . LYS A 1 26 ? -5.87779  9.83485   -11.13650 1.000 16.55353  ? 26  LYS A N    1 
ATOM   425 C CA   . LYS A 1 26 ? -6.83948  10.92492  -11.21609 1.000 19.61564  ? 26  LYS A CA   1 
ATOM   426 C C    . LYS A 1 26 ? -6.15543  12.22265  -11.62100 1.000 19.19050  ? 26  LYS A C    1 
ATOM   427 O O    . LYS A 1 26 ? -6.66441  12.95875  -12.47416 1.000 21.67825  ? 26  LYS A O    1 
ATOM   428 C CB   . LYS A 1 26 ? -7.56313  11.08122  -9.87828  1.000 22.64881  ? 26  LYS A CB   1 
ATOM   429 C CG   . LYS A 1 26 ? -8.68197  12.11982  -9.89311  1.000 27.26268  ? 26  LYS A CG   1 
ATOM   430 H H    . LYS A 1 26 ? -5.77902  9.50002   -10.35054 1.000 19.86781  ? 26  LYS A H    1 
ATOM   431 H HA   . LYS A 1 26 ? -7.50596  10.71546  -11.88904 1.000 23.54234  ? 26  LYS A HA   1 
ATOM   432 H HB2  . LYS A 1 26 ? -7.95606  10.22805  -9.63620  1.000 27.18215  ? 26  LYS A HB2  1 
ATOM   433 H HB3  . LYS A 1 26 ? -6.91831  11.35214  -9.20620  1.000 27.18215  ? 26  LYS A HB3  1 
ATOM   434 H HG2  . LYS A 1 26 ? -8.29179  13.00708  -9.84927  1.000 32.71879  ? 26  LYS A HG2  1 
ATOM   435 H HG3  . LYS A 1 26 ? -9.19282  12.02420  -10.71219 1.000 32.71879  ? 26  LYS A HG3  1 
ATOM   436 N N    . TRP A 1 27 ? -4.99449  12.51586  -11.03193 1.000 17.46834  ? 27  TRP A N    1 
ATOM   437 C CA   . TRP A 1 27 ? -4.30231  13.76605  -11.32872 1.000 21.30924  ? 27  TRP A CA   1 
ATOM   438 C C    . TRP A 1 27 ? -3.76613  13.80017  -12.75445 1.000 26.97836  ? 27  TRP A C    1 
ATOM   439 O O    . TRP A 1 27 ? -3.57500  14.88650  -13.31309 1.000 26.02873  ? 27  TRP A O    1 
ATOM   440 C CB   . TRP A 1 27 ? -3.15751  13.97362  -10.33692 1.000 24.43254  ? 27  TRP A CB   1 
ATOM   441 H H    . TRP A 1 27 ? -4.58992  12.01399  -10.46266 1.000 20.96558  ? 27  TRP A H    1 
ATOM   442 H HA   . TRP A 1 27 ? -4.93320  14.49634  -11.23084 1.000 25.57466  ? 27  TRP A HA   1 
ATOM   443 N N    . LEU A 1 28 ? -3.51009  12.63859  -13.35539 1.000 21.47036  ? 28  LEU A N    1 
ATOM   444 C CA   . LEU A 1 28 ? -3.01111  12.57634  -14.72156 1.000 21.40181  ? 28  LEU A CA   1 
ATOM   445 C C    . LEU A 1 28 ? -4.12175  12.43677  -15.75579 1.000 26.70863  ? 28  LEU A C    1 
ATOM   446 O O    . LEU A 1 28 ? -3.87856  12.68671  -16.94313 1.000 27.79282  ? 28  LEU A O    1 
ATOM   447 C CB   . LEU A 1 28 ? -2.04559  11.39697  -14.87386 1.000 22.52214  ? 28  LEU A CB   1 
ATOM   448 C CG   . LEU A 1 28 ? -0.77917  11.42655  -14.01594 1.000 41.30013  ? 28  LEU A CG   1 
ATOM   449 C CD1  . LEU A 1 28 ? 0.01649   10.14182  -14.22713 1.000 43.40738  ? 28  LEU A CD1  1 
ATOM   450 C CD2  . LEU A 1 28 ? 0.07485   12.64290  -14.32413 1.000 124.78758 ? 28  LEU A CD2  1 
ATOM   451 H H    . LEU A 1 28 ? -3.61894  11.86869  -12.98797 1.000 25.76801  ? 28  LEU A H    1 
ATOM   452 H HA   . LEU A 1 28 ? -2.52537  13.39444  -14.91041 1.000 25.68574  ? 28  LEU A HA   1 
ATOM   453 H HB2  . LEU A 1 28 ? -2.52530  10.58593  -14.64363 1.000 27.03014  ? 28  LEU A HB2  1 
ATOM   454 H HB3  . LEU A 1 28 ? -1.75995  11.36186  -15.80017 1.000 27.03014  ? 28  LEU A HB3  1 
ATOM   455 H HG   . LEU A 1 28 ? -1.03418  11.48841  -13.08211 1.000 49.56373  ? 28  LEU A HG   1 
ATOM   456 H HD11 . LEU A 1 28 ? 0.85435   10.20601  -13.74259 1.000 52.09242  ? 28  LEU A HD11 1 
ATOM   457 H HD12 . LEU A 1 28 ? -0.50104  9.39164   -13.89504 1.000 52.09242  ? 28  LEU A HD12 1 
ATOM   458 H HD13 . LEU A 1 28 ? 0.19020   10.03012  -15.17489 1.000 52.09242  ? 28  LEU A HD13 1 
ATOM   459 H HD21 . LEU A 1 28 ? 0.90827   12.57643  -13.83231 1.000 149.74866 ? 28  LEU A HD21 1 
ATOM   460 H HD22 . LEU A 1 28 ? 0.25431   12.66954  -15.27702 1.000 149.74866 ? 28  LEU A HD22 1 
ATOM   461 H HD23 . LEU A 1 28 ? -0.40496  13.44195  -14.05544 1.000 149.74866 ? 28  LEU A HD23 1 
ATOM   462 N N    . ALA A 1 29 ? -5.32502  12.05239  -15.33999 1.000 27.01689  ? 29  ALA A N    1 
ATOM   463 C CA   . ALA A 1 29 ? -6.42557  11.81906  -16.27087 1.000 35.39971  ? 29  ALA A CA   1 
ATOM   464 C C    . ALA A 1 29 ? -6.89895  13.11661  -16.92023 1.000 44.70663  ? 29  ALA A C    1 
ATOM   465 O O    . ALA A 1 29 ? -6.49909  14.20899  -16.51491 1.000 45.12298  ? 29  ALA A O    1 
ATOM   466 H H    . ALA A 1 29 ? -5.53190  11.91844  -14.51606 1.000 32.42384  ? 29  ALA A H    1 
ATOM   467 H HA   . ALA A 1 29 ? -6.14052  11.20801  -16.96820 1.000 42.48323  ? 29  ALA A HA   1 
HETATM 468 O O    . HOH B 2 .  ? -1.55384  16.51614  -12.71224 1.000 48.66851  ? 101 HOH A O    1 
# 
loop_
_atom_site_anisotrop.id 
_atom_site_anisotrop.type_symbol 
_atom_site_anisotrop.pdbx_label_atom_id 
_atom_site_anisotrop.pdbx_label_alt_id 
_atom_site_anisotrop.pdbx_label_comp_id 
_atom_site_anisotrop.pdbx_label_asym_id 
_atom_site_anisotrop.pdbx_label_seq_id 
_atom_site_anisotrop.pdbx_PDB_ins_code 
_atom_site_anisotrop.U[1][1] 
_atom_site_anisotrop.U[2][2] 
_atom_site_anisotrop.U[3][3] 
_atom_site_anisotrop.U[1][2] 
_atom_site_anisotrop.U[1][3] 
_atom_site_anisotrop.U[2][3] 
_atom_site_anisotrop.pdbx_auth_seq_id 
_atom_site_anisotrop.pdbx_auth_comp_id 
_atom_site_anisotrop.pdbx_auth_asym_id 
_atom_site_anisotrop.pdbx_auth_atom_id 
19  N N   . ALA A 3  ? 0.33477 0.39211 0.27313 0.08296  0.03255  0.07595  3  ALA A N   
20  C CA  . ALA A 3  ? 0.32169 0.42003 0.28728 0.08882  0.04297  0.09762  3  ALA A CA  
21  C C   . ALA A 3  ? 0.30796 0.42295 0.26112 0.07659  0.02908  0.09285  3  ALA A C   
22  O O   . ALA A 3  ? 0.30632 0.43702 0.23641 0.09328  0.03074  0.09985  3  ALA A O   
23  C CB  . ALA A 3  ? 0.33336 0.43324 0.30632 0.10230  0.05649  0.11006  3  ALA A CB  
29  N N   . GLU A 4  ? 0.30885 0.39817 0.26255 0.04373  0.01836  0.07508  4  GLU A N   
30  C CA  . GLU A 4  ? 0.29429 0.36582 0.27975 -0.00160 -0.00093 0.05446  4  GLU A CA  
31  C C   . GLU A 4  ? 0.25312 0.30507 0.22875 -0.03016 -0.00053 0.03167  4  GLU A C   
32  O O   . GLU A 4  ? 0.24197 0.26271 0.21283 -0.06350 -0.00883 0.01135  4  GLU A O   
39  N N   . PRO A 5  ? 0.23562 0.28869 0.18769 -0.01964 -0.00508 0.02051  5  PRO A N   
40  C CA  . PRO A 5  ? 0.22505 0.26640 0.16764 -0.00933 -0.00359 0.00130  5  PRO A CA  
41  C C   . PRO A 5  ? 0.17152 0.24068 0.14240 -0.01313 -0.00374 -0.01562 5  PRO A C   
42  O O   . PRO A 5  ? 0.15167 0.23906 0.13434 -0.00734 -0.00775 -0.02886 5  PRO A O   
43  C CB  . PRO A 5  ? 0.25975 0.28738 0.16318 0.00747  -0.01547 0.00366  5  PRO A CB  
44  C CG  . PRO A 5  ? 0.26122 0.30575 0.16264 0.01046  -0.01151 0.01809  5  PRO A CG  
45  C CD  . PRO A 5  ? 0.24096 0.30351 0.18188 -0.00744 -0.01432 0.02471  5  PRO A CD  
53  N N   . LEU A 6  ? 0.15509 0.23247 0.17322 -0.01584 0.01136  0.00448  6  LEU A N   
54  C CA  . LEU A 6  ? 0.15080 0.21504 0.17737 -0.01163 0.02024  -0.00450 6  LEU A CA  
55  C C   . LEU A 6  ? 0.13523 0.19204 0.16032 -0.01130 0.01672  -0.01651 6  LEU A C   
56  O O   . LEU A 6  ? 0.14413 0.19155 0.18079 -0.00596 0.01424  -0.00181 6  LEU A O   
57  C CB  . LEU A 6  ? 0.15736 0.23405 0.21173 -0.00987 0.01092  0.00615  6  LEU A CB  
58  C CG  . LEU A 6  ? 0.17391 0.25341 0.27701 -0.01271 0.00798  0.02959  6  LEU A CG  
59  C CD1 . LEU A 6  ? 0.22176 0.28113 0.30936 0.01478  0.02284  0.04867  6  LEU A CD1 
60  C CD2 . LEU A 6  ? 0.19865 0.26220 0.27919 -0.00511 -0.00507 0.02413  6  LEU A CD2 
72  N N   . ILE A 7  ? 0.15571 0.19387 0.14291 -0.00123 -0.00231 -0.02396 7  ILE A N   
73  C CA  . ILE A 7  ? 0.15450 0.18184 0.15545 -0.01002 -0.01564 -0.02801 7  ILE A CA  
74  C C   . ILE A 7  ? 0.14882 0.16212 0.12727 -0.01395 -0.00091 -0.03458 7  ILE A C   
75  O O   . ILE A 7  ? 0.17290 0.17359 0.12061 0.00804  0.01633  -0.03294 7  ILE A O   
76  C CB  . ILE A 7  ? 0.19037 0.18579 0.19916 -0.00837 -0.03390 -0.02498 7  ILE A CB  
77  C CG1 . ILE A 7  ? 0.21484 0.20281 0.22195 0.00008  -0.03940 -0.01148 7  ILE A CG1 
78  C CG2 . ILE A 7  ? 0.21719 0.18981 0.23054 -0.00010 -0.03506 -0.02174 7  ILE A CG2 
79  C CD1 . ILE A 7  ? 0.24451 0.23557 0.28226 0.02359  -0.01441 0.02470  7  ILE A CD1 
91  N N   . TYR A 8  ? 0.12383 0.16751 0.11231 -0.01805 0.01666  -0.02148 8  TYR A N   
92  C CA  . TYR A 8  ? 0.10927 0.16481 0.10755 -0.01623 0.01830  -0.03648 8  TYR A CA  
93  C C   . TYR A 8  ? 0.12182 0.15226 0.09648 -0.02105 0.00302  -0.05175 8  TYR A C   
94  O O   . TYR A 8  ? 0.10856 0.15336 0.11132 -0.02204 0.01620  -0.03695 8  TYR A O   
95  C CB  . TYR A 8  ? 0.11168 0.19074 0.10035 -0.00402 0.02913  -0.02550 8  TYR A CB  
96  C CG  . TYR A 8  ? 0.11974 0.18464 0.08854 -0.02039 0.00999  -0.03622 8  TYR A CG  
97  C CD1 . TYR A 8  ? 0.11533 0.18469 0.08160 -0.03125 0.01390  -0.03443 8  TYR A CD1 
98  C CD2 . TYR A 8  ? 0.10239 0.18762 0.10866 -0.02526 -0.00821 -0.04656 8  TYR A CD2 
99  C CE1 . TYR A 8  ? 0.10026 0.19356 0.08263 -0.02675 0.00867  -0.04104 8  TYR A CE1 
100 C CE2 . TYR A 8  ? 0.09493 0.18644 0.12670 -0.03175 -0.00147 -0.04108 8  TYR A CE2 
101 C CZ  . TYR A 8  ? 0.09407 0.18304 0.11227 -0.03526 -0.00655 -0.05027 8  TYR A CZ  
102 O OH  . TYR A 8  ? 0.10012 0.18258 0.13244 -0.02759 -0.00705 -0.06338 8  TYR A OH  
112 N N   . VAL A 9  ? 0.10452 0.17140 0.10164 -0.02908 -0.00782 -0.03818 9  VAL A N   
113 C CA  . VAL A 9  ? 0.11076 0.16692 0.12068 -0.02824 -0.00963 -0.04114 9  VAL A CA  
114 C C   . VAL A 9  ? 0.09810 0.15744 0.10967 -0.03412 -0.00323 -0.04884 9  VAL A C   
115 O O   . VAL A 9  ? 0.09882 0.16170 0.12169 -0.03231 -0.00486 -0.04458 9  VAL A O   
116 C CB  . VAL A 9  ? 0.12863 0.18596 0.13831 -0.02264 -0.01556 -0.02746 9  VAL A CB  
117 C CG1 . VAL A 9  ? 0.11909 0.18878 0.15230 -0.02831 -0.02507 -0.02682 9  VAL A CG1 
118 C CG2 . VAL A 9  ? 0.13487 0.18313 0.14103 -0.03209 -0.03197 -0.03163 9  VAL A CG2 
128 N N   . LEU A 10 ? 0.09117 0.16838 0.08843 -0.03390 0.00903  -0.03281 10 LEU A N   
129 C CA  . LEU A 10 ? 0.09742 0.17328 0.12296 -0.02688 0.01991  -0.02873 10 LEU A CA  
130 C C   . LEU A 10 ? 0.11379 0.16662 0.08509 -0.02241 0.02826  -0.03676 10 LEU A C   
131 O O   . LEU A 10 ? 0.12883 0.16977 0.08906 -0.02471 0.02776  -0.02305 10 LEU A O   
132 C CB  . LEU A 10 ? 0.11730 0.18634 0.13572 -0.00431 0.02885  -0.03048 10 LEU A CB  
133 C CG  . LEU A 10 ? 0.12869 0.21087 0.16894 0.01700  0.04420  -0.01598 10 LEU A CG  
134 C CD1 . LEU A 10 ? 0.12111 0.21228 0.16912 0.01581  0.04822  -0.01094 10 LEU A CD1 
135 C CD2 . LEU A 10 ? 0.11721 0.21847 0.24187 0.01225  0.03524  0.00068  10 LEU A CD2 
147 N N   . LEU A 11 ? 0.09167 0.15837 0.10180 -0.03594 0.02623  -0.02583 11 LEU A N   
148 C CA  . LEU A 11 ? 0.09694 0.16838 0.09322 -0.03104 0.01082  -0.02827 11 LEU A CA  
149 C C   . LEU A 11 ? 0.09824 0.17062 0.08298 -0.03416 -0.00296 -0.02120 11 LEU A C   
150 O O   . LEU A 11 ? 0.11255 0.15561 0.08468 -0.04966 -0.00949 -0.01706 11 LEU A O   
151 C CB  . LEU A 11 ? 0.10006 0.15468 0.09933 -0.04235 0.00324  -0.03494 11 LEU A CB  
152 C CG  . LEU A 11 ? 0.11192 0.14858 0.11310 -0.05032 -0.01037 -0.04372 11 LEU A CG  
153 C CD1 . LEU A 11 ? 0.15296 0.15841 0.11673 -0.03544 -0.02019 -0.04501 11 LEU A CD1 
154 C CD2 . LEU A 11 ? 0.13197 0.16043 0.14312 -0.04392 0.00299  -0.02130 11 LEU A CD2 
166 N N   . VAL A 12 ? 0.08185 0.16597 0.08345 -0.04226 -0.01382 -0.02638 12 VAL A N   
167 C CA  . VAL A 12 ? 0.11703 0.16847 0.10147 -0.02354 0.01167  -0.02985 12 VAL A CA  
168 C C   . VAL A 12 ? 0.09834 0.15488 0.07212 -0.03471 -0.00029 -0.04619 12 VAL A C   
169 O O   . VAL A 12 ? 0.09817 0.14503 0.09327 -0.04635 0.00131  -0.03708 12 VAL A O   
170 C CB  . VAL A 12 ? 0.13471 0.16222 0.08903 -0.03019 0.01212  -0.04565 12 VAL A CB  
171 C CG1 . VAL A 12 ? 0.13001 0.18902 0.14110 -0.01818 0.03868  -0.00815 12 VAL A CG1 
172 C CG2 . VAL A 12 ? 0.16074 0.17131 0.09213 -0.01563 0.01142  -0.05079 12 VAL A CG2 
182 N N   . LEU A 13 ? 0.09308 0.16409 0.09237 -0.03747 0.01518  -0.03584 13 LEU A N   
183 C CA  . LEU A 13 ? 0.08792 0.16469 0.09505 -0.04955 0.01462  -0.04045 13 LEU A CA  
184 C C   . LEU A 13 ? 0.11003 0.17517 0.09254 -0.03725 0.01298  -0.04184 13 LEU A C   
185 O O   . LEU A 13 ? 0.09291 0.17939 0.11261 -0.05151 0.01860  -0.02915 13 LEU A O   
186 C CB  . LEU A 13 ? 0.09367 0.17012 0.09922 -0.05798 0.00824  -0.03039 13 LEU A CB  
187 C CG  . LEU A 13 ? 0.10551 0.15451 0.09086 -0.05086 -0.00814 -0.04186 13 LEU A CG  
188 C CD1 . LEU A 13 ? 0.12120 0.18773 0.13921 -0.03428 -0.00450 -0.03415 13 LEU A CD1 
189 C CD2 . LEU A 13 ? 0.13975 0.17398 0.10996 -0.03857 -0.01031 -0.04877 13 LEU A CD2 
201 N N   . THR A 14 ? 0.10566 0.17044 0.08856 -0.04430 0.00212  -0.04978 14 THR A N   
202 C CA  . THR A 14 ? 0.13428 0.16942 0.09007 -0.03715 0.02017  -0.04609 14 THR A CA  
203 C C   . THR A 14 ? 0.10658 0.16370 0.09741 -0.06210 0.00428  -0.03125 14 THR A C   
204 O O   . THR A 14 ? 0.14604 0.17413 0.08508 -0.04612 0.01042  -0.02445 14 THR A O   
205 C CB  . THR A 14 ? 0.11393 0.16874 0.09572 -0.05164 0.01711  -0.04837 14 THR A CB  
206 O OG1 . THR A 14 ? 0.12007 0.15691 0.11077 -0.05943 0.01948  -0.04823 14 THR A OG1 
207 C CG2 . THR A 14 ? 0.13694 0.17296 0.11015 -0.04504 0.01407  -0.05145 14 THR A CG2 
215 N N   . LEU A 15 ? 0.10259 0.16288 0.08860 -0.05423 -0.00317 -0.04152 15 LEU A N   
216 C CA  . LEU A 15 ? 0.09864 0.16008 0.10977 -0.05747 -0.00804 -0.03821 15 LEU A CA  
217 C C   . LEU A 15 ? 0.11587 0.15471 0.11142 -0.06139 -0.00111 -0.03238 15 LEU A C   
218 O O   . LEU A 15 ? 0.11776 0.18027 0.13410 -0.05940 -0.01657 -0.01355 15 LEU A O   
219 C CB  . LEU A 15 ? 0.09763 0.17005 0.15170 -0.05851 -0.00986 -0.03142 15 LEU A CB  
220 C CG  . LEU A 15 ? 0.09554 0.17335 0.15666 -0.06439 -0.01395 -0.02470 15 LEU A CG  
221 C CD1 . LEU A 15 ? 0.10169 0.19287 0.16015 -0.05730 0.00230  -0.00993 15 LEU A CD1 
222 C CD2 . LEU A 15 ? 0.12917 0.18179 0.15686 -0.05723 -0.03220 -0.03644 15 LEU A CD2 
234 N N   . ALA A 16 ? 0.09978 0.15181 0.09885 -0.05584 0.00805  -0.03306 16 ALA A N   
235 C CA  . ALA A 16 ? 0.11227 0.15791 0.11621 -0.05344 0.01126  -0.02299 16 ALA A CA  
236 C C   . ALA A 16 ? 0.09384 0.15695 0.13083 -0.05657 0.00156  -0.01869 16 ALA A C   
237 O O   . ALA A 16 ? 0.11739 0.15546 0.12100 -0.05312 0.00130  -0.03145 16 ALA A O   
238 C CB  . ALA A 16 ? 0.13897 0.15398 0.11292 -0.04903 0.01409  -0.02850 16 ALA A CB  
244 N N   A LEU A 17 ? 0.12473 0.17407 0.12142 -0.03510 0.01488  -0.00822 17 LEU A N   
245 N N   B LEU A 17 ? 0.10566 0.14971 0.10695 -0.05209 -0.00078 -0.02044 17 LEU A N   
246 C CA  A LEU A 17 ? 0.16530 0.18354 0.13493 -0.02121 0.01145  0.00026  17 LEU A CA  
247 C CA  B LEU A 17 ? 0.13830 0.14831 0.10529 -0.04073 -0.00508 -0.01510 17 LEU A CA  
248 C C   A LEU A 17 ? 0.18970 0.17640 0.13248 -0.01365 0.00344  -0.01629 17 LEU A C   
249 C C   B LEU A 17 ? 0.16279 0.14080 0.10277 -0.03953 -0.02007 -0.04095 17 LEU A C   
250 O O   A LEU A 17 ? 0.20874 0.19629 0.12767 0.01219  0.01980  -0.01257 17 LEU A O   
251 O O   B LEU A 17 ? 0.15766 0.15702 0.10583 -0.02665 -0.01236 -0.03697 17 LEU A O   
282 N N   . VAL A 18 ? 0.18848 0.16689 0.12400 -0.02622 -0.00988 -0.02264 18 VAL A N   
283 C CA  . VAL A 18 ? 0.21969 0.18806 0.16529 -0.04294 -0.06055 -0.00525 18 VAL A CA  
284 C C   . VAL A 18 ? 0.16304 0.18174 0.12632 -0.06635 -0.05778 -0.01094 18 VAL A C   
285 O O   . VAL A 18 ? 0.19547 0.17172 0.13908 -0.06643 -0.06034 -0.00435 18 VAL A O   
286 C CB  . VAL A 18 ? 0.28384 0.20101 0.25920 -0.04271 -0.12859 0.00104  18 VAL A CB  
287 C CG1 . VAL A 18 ? 0.29875 0.21619 0.33382 -0.04505 -0.14789 0.02269  18 VAL A CG1 
288 C CG2 . VAL A 18 ? 0.33111 0.20555 0.26343 -0.02527 -0.12862 0.00003  18 VAL A CG2 
297 N N   . PHE A 19 ? 0.11620 0.20864 0.13921 -0.06906 -0.02983 0.00489  19 PHE A N   
298 C CA  . PHE A 19 ? 0.12644 0.22264 0.15166 -0.05531 0.00642  0.00582  19 PHE A CA  
299 C C   . PHE A 19 ? 0.14172 0.18927 0.13036 -0.06351 -0.00504 -0.03236 19 PHE A C   
300 O O   . PHE A 19 ? 0.14350 0.19155 0.14570 -0.05273 0.01014  -0.03034 19 PHE A O   
301 C CB  . PHE A 19 ? 0.15968 0.25130 0.17604 -0.04125 0.02205  0.02350  19 PHE A CB  
302 C CG  . PHE A 19 ? 0.18067 0.29560 0.23874 -0.02091 0.03337  0.05860  19 PHE A CG  
303 C CD1 . PHE A 19 ? 0.16333 0.30964 0.25245 -0.02526 0.03949  0.07557  19 PHE A CD1 
304 C CD2 . PHE A 19 ? 0.21997 0.31941 0.27975 0.00019  0.05997  0.08406  19 PHE A CD2 
305 C CE1 . PHE A 19 ? 0.19478 0.33100 0.29568 -0.00710 0.05597  0.10096  19 PHE A CE1 
306 C CE2 . PHE A 19 ? 0.22795 0.33271 0.32140 0.00610  0.07004  0.10309  19 PHE A CE2 
307 C CZ  . PHE A 19 ? 0.21263 0.33050 0.32006 -0.00647 0.06661  0.11127  19 PHE A CZ  
317 N N   . LEU A 20 ? 0.12947 0.18436 0.13645 -0.06686 0.00511  -0.03333 20 LEU A N   
318 C CA  . LEU A 20 ? 0.13632 0.18979 0.13893 -0.06162 0.01378  -0.03452 20 LEU A CA  
319 C C   . LEU A 20 ? 0.13486 0.17940 0.12569 -0.05232 0.01682  -0.03946 20 LEU A C   
320 O O   . LEU A 20 ? 0.16548 0.17371 0.14276 -0.04855 0.01709  -0.03419 20 LEU A O   
321 C CB  . LEU A 20 ? 0.15165 0.20957 0.13486 -0.06248 -0.00434 -0.04243 20 LEU A CB  
322 C CG  . LEU A 20 ? 0.18376 0.24511 0.18248 -0.03712 0.00658  -0.02730 20 LEU A CG  
323 C CD1 . LEU A 20 ? 0.19215 0.25462 0.21196 -0.03676 0.00704  -0.01901 20 LEU A CD1 
324 C CD2 . LEU A 20 ? 0.23048 0.26830 0.22234 -0.01261 0.01179  -0.00684 20 LEU A CD2 
336 N N   . LEU A 21 ? 0.15876 0.17562 0.11427 -0.03794 0.02277  -0.03984 21 LEU A N   
337 C CA  . LEU A 21 ? 0.17685 0.18307 0.11455 -0.02459 0.01650  -0.03602 21 LEU A CA  
338 C C   . LEU A 21 ? 0.15895 0.15471 0.10807 -0.05237 -0.01585 -0.05343 21 LEU A C   
339 O O   . LEU A 21 ? 0.20209 0.16908 0.12090 -0.02713 0.00143  -0.03904 21 LEU A O   
340 C CB  . LEU A 21 ? 0.22623 0.18504 0.12759 -0.00705 0.01466  -0.04170 21 LEU A CB  
341 C CG  . LEU A 21 ? 0.21370 0.20045 0.16271 -0.00506 -0.00520 -0.04067 21 LEU A CG  
342 C CD1 . LEU A 21 ? 0.23364 0.20298 0.19117 0.00722  0.00550  -0.03492 21 LEU A CD1 
343 C CD2 . LEU A 21 ? 0.20749 0.20410 0.20019 0.00049  0.01588  -0.03128 21 LEU A CD2 
355 N N   . TYR A 22 ? 0.16785 0.17486 0.14887 -0.04408 -0.01063 -0.02876 22 TYR A N   
356 C CA  . TYR A 22 ? 0.16807 0.19540 0.18198 -0.04192 -0.01596 -0.01303 22 TYR A CA  
357 C C   . TYR A 22 ? 0.15807 0.20145 0.16363 -0.02770 -0.00041 -0.01596 22 TYR A C   
358 O O   . TYR A 22 ? 0.19104 0.19514 0.14666 -0.01429 0.00414  -0.02279 22 TYR A O   
359 C CB  . TYR A 22 ? 0.16735 0.19141 0.27716 -0.06995 -0.04257 0.00793  22 TYR A CB  
360 C CG  . TYR A 22 ? 0.18337 0.22872 0.40848 -0.06174 -0.07033 0.04417  22 TYR A CG  
361 C CD1 . TYR A 22 ? 0.24219 0.28253 0.46962 -0.01486 -0.06498 0.07456  22 TYR A CD1 
362 C CD2 . TYR A 22 ? 0.24107 0.28575 0.49648 -0.01320 -0.05746 0.08699  22 TYR A CD2 
363 C CE1 . TYR A 22 ? 0.27879 0.31383 0.53438 0.00954  -0.06472 0.10267  22 TYR A CE1 
364 C CE2 . TYR A 22 ? 0.28700 0.32138 0.55540 0.01744  -0.05322 0.11414  22 TYR A CE2 
365 C CZ  . TYR A 22 ? 0.30661 0.34011 0.59104 0.02898  -0.06218 0.12827  22 TYR A CZ  
366 O OH  . TYR A 22 ? 0.35967 0.37726 0.67488 0.06192  -0.04645 0.16752  22 TYR A OH  
376 N N   . LYS A 23 ? 0.16929 0.18712 0.14707 -0.02707 -0.00364 -0.03657 23 LYS A N   
377 C CA  . LYS A 23 ? 0.18550 0.17657 0.17682 -0.02758 0.01182  -0.03112 23 LYS A CA  
378 C C   . LYS A 23 ? 0.17628 0.16959 0.17525 -0.03191 0.02209  -0.02973 23 LYS A C   
379 O O   . LYS A 23 ? 0.19170 0.18194 0.20199 -0.01306 0.03274  -0.01756 23 LYS A O   
388 N N   . LEU A 24 ? 0.16903 0.17174 0.17222 -0.03176 0.04149  -0.02064 24 LEU A N   
389 C CA  . LEU A 24 ? 0.15942 0.16900 0.19344 -0.04356 0.03325  -0.01585 24 LEU A CA  
390 C C   . LEU A 24 ? 0.15419 0.17324 0.18546 -0.04417 0.02891  -0.01007 24 LEU A C   
391 O O   . LEU A 24 ? 0.15854 0.20502 0.19375 -0.03999 0.02403  0.02131  24 LEU A O   
392 C CB  . LEU A 24 ? 0.18883 0.20289 0.21757 -0.01593 0.04774  0.00134  24 LEU A CB  
393 C CG  . LEU A 24 ? 0.20117 0.21889 0.23006 -0.00670 0.07038  0.02042  24 LEU A CG  
394 C CD1 . LEU A 24 ? 0.19775 0.21526 0.25386 -0.01389 0.07256  0.02555  24 LEU A CD1 
395 C CD2 . LEU A 24 ? 0.21151 0.23631 0.23123 0.00249  0.05723  0.02253  24 LEU A CD2 
407 N N   . MET A 25 ? 0.18251 0.17203 0.17426 -0.03269 0.00794  -0.03078 25 MET A N   
408 C CA  . MET A 25 ? 0.21771 0.16050 0.21860 -0.04698 -0.01107 -0.02926 25 MET A CA  
409 C C   . MET A 25 ? 0.22166 0.18987 0.21880 -0.01674 0.00368  -0.01025 25 MET A C   
410 O O   . MET A 25 ? 0.24275 0.20858 0.22179 0.00849  0.01097  -0.01228 25 MET A O   
411 C CB  . MET A 25 ? 0.25600 0.16597 0.30044 -0.06225 -0.03911 -0.02497 25 MET A CB  
412 C CG  . MET A 25 ? 0.32248 0.21752 0.37825 -0.04102 -0.06073 -0.00586 25 MET A CG  
413 S SD  . MET A 25 ? 0.33635 0.23932 0.47097 -0.05477 -0.08255 0.00655  25 MET A SD  
414 C CE  . MET A 25 ? 0.34897 0.21936 0.50212 -0.06529 -0.08412 0.00548  25 MET A CE  
# 
